data_9DFI
#
_entry.id   9DFI
#
_cell.length_a   141.125
_cell.length_b   122.533
_cell.length_c   66.809
_cell.angle_alpha   90.00
_cell.angle_beta   94.68
_cell.angle_gamma   90.00
#
_symmetry.space_group_name_H-M   'C 1 2 1'
#
loop_
_entity.id
_entity.type
_entity.pdbx_description
1 polymer PrnB
2 non-polymer GLYCEROL
3 non-polymer 'PROTOPORPHYRIN IX CONTAINING FE'
4 non-polymer TRYPTOPHAN
5 non-polymer 2-AMINO-2-HYDROXYMETHYL-PROPANE-1,3-DIOL
6 water water
#
_entity_poly.entity_id   1
_entity_poly.type   'polypeptide(L)'
_entity_poly.pdbx_seq_one_letter_code
;MGSSHHHHHHSSGENLYFQGMISNEISKLDPLNLDAFFNQLPSLNQNLEVSLLIDKLREITKSYLPTTFSINDALAATRD
LGMIMSSVRKLGIQPVSAVSDLEVFLETLSEITNMVPRETSYHYGPWNPIGERERRFTHFPDERGLIEGVRIAIPGIELA
IREINQLSNLSLNDPAFESLAKSAALHVYQAVDGIGETIKKTDPYVFSHELRPFFDPIRIGGKSYIGAGGGQIPLFVVDV
KLWLGNHSPNSEYVSFIKDSVFYLPPELRPICVDSLLEPSVINQKFAEFGSVEITDQVIKGMESLLSVIQVLLKFRKPHF
QLAQRTLSKENRGNYTTGSAGYTNSFNHMVLEFTIEVEKQIRAVLAPYRS
;
_entity_poly.pdbx_strand_id   A,B
#
loop_
_chem_comp.id
_chem_comp.type
_chem_comp.name
_chem_comp.formula
GOL non-polymer GLYCEROL 'C3 H8 O3'
HEM non-polymer 'PROTOPORPHYRIN IX CONTAINING FE' 'C34 H32 Fe N4 O4'
TRS non-polymer 2-AMINO-2-HYDROXYMETHYL-PROPANE-1,3-DIOL 'C4 H12 N O3 1'
#
# COMPACT_ATOMS: atom_id res chain seq x y z
N TYR A 17 -12.82 29.69 -28.01
CA TYR A 17 -13.84 28.77 -28.54
C TYR A 17 -14.12 27.57 -27.59
N PHE A 18 -14.17 27.86 -26.28
CA PHE A 18 -14.47 26.85 -25.28
C PHE A 18 -15.58 27.24 -24.32
N GLN A 19 -16.13 28.46 -24.43
CA GLN A 19 -16.94 29.08 -23.37
C GLN A 19 -18.10 28.19 -22.93
N GLY A 20 -18.41 28.27 -21.63
CA GLY A 20 -19.71 27.85 -21.14
C GLY A 20 -19.79 26.67 -20.19
N MET A 21 -18.76 26.45 -19.36
CA MET A 21 -18.84 25.39 -18.32
C MET A 21 -19.46 25.98 -17.06
N ILE A 22 -20.80 26.03 -17.05
CA ILE A 22 -21.56 26.71 -16.00
C ILE A 22 -21.89 25.72 -14.89
N SER A 23 -21.54 26.07 -13.66
CA SER A 23 -21.54 25.13 -12.55
C SER A 23 -22.95 24.66 -12.17
N ASN A 24 -23.93 25.58 -12.11
CA ASN A 24 -25.25 25.19 -11.66
C ASN A 24 -25.99 24.34 -12.69
N GLU A 25 -25.66 24.51 -13.99
CA GLU A 25 -26.14 23.62 -15.03
C GLU A 25 -25.58 22.20 -14.90
N ILE A 26 -24.42 22.05 -14.27
CA ILE A 26 -23.84 20.72 -14.09
C ILE A 26 -24.25 20.12 -12.74
N SER A 27 -24.20 20.92 -11.67
CA SER A 27 -24.53 20.43 -10.33
C SER A 27 -25.92 19.79 -10.27
N LYS A 28 -26.88 20.32 -11.02
CA LYS A 28 -28.27 19.85 -10.94
C LYS A 28 -28.52 18.54 -11.68
N LEU A 29 -27.58 18.03 -12.48
CA LEU A 29 -27.84 16.85 -13.28
C LEU A 29 -27.51 15.57 -12.53
N ASP A 30 -28.26 14.53 -12.84
CA ASP A 30 -28.00 13.16 -12.36
C ASP A 30 -28.10 12.24 -13.58
N PRO A 31 -27.13 12.35 -14.50
CA PRO A 31 -27.25 11.63 -15.78
C PRO A 31 -27.24 10.12 -15.65
N LEU A 32 -26.61 9.56 -14.60
CA LEU A 32 -26.54 8.12 -14.41
C LEU A 32 -27.47 7.65 -13.29
N ASN A 33 -28.46 8.48 -12.94
CA ASN A 33 -29.48 8.15 -11.94
C ASN A 33 -28.86 7.57 -10.67
N LEU A 34 -27.90 8.31 -10.11
CA LEU A 34 -27.13 7.84 -8.98
C LEU A 34 -27.46 8.57 -7.68
N ASP A 35 -28.49 9.44 -7.69
CA ASP A 35 -28.85 10.20 -6.49
C ASP A 35 -29.12 9.29 -5.29
N ALA A 36 -29.97 8.26 -5.48
CA ALA A 36 -30.21 7.31 -4.40
C ALA A 36 -28.92 6.63 -3.97
N PHE A 37 -28.12 6.18 -4.94
CA PHE A 37 -26.87 5.49 -4.63
C PHE A 37 -25.93 6.38 -3.83
N PHE A 38 -25.91 7.68 -4.12
CA PHE A 38 -24.98 8.53 -3.38
C PHE A 38 -25.44 8.78 -1.95
N ASN A 39 -26.74 8.64 -1.66
CA ASN A 39 -27.13 8.73 -0.26
C ASN A 39 -26.64 7.54 0.54
N GLN A 40 -26.36 6.41 -0.13
CA GLN A 40 -25.87 5.18 0.50
C GLN A 40 -24.36 5.03 0.46
N LEU A 41 -23.68 5.73 -0.44
CA LEU A 41 -22.25 5.60 -0.59
C LEU A 41 -21.46 5.74 0.70
N PRO A 42 -21.79 6.65 1.63
CA PRO A 42 -20.95 6.74 2.82
C PRO A 42 -21.02 5.50 3.69
N SER A 43 -22.19 4.85 3.76
CA SER A 43 -22.31 3.62 4.52
C SER A 43 -21.72 2.43 3.74
N LEU A 44 -21.91 2.39 2.42
CA LEU A 44 -21.19 1.42 1.60
C LEU A 44 -19.68 1.49 1.85
N ASN A 45 -19.12 2.69 1.92
CA ASN A 45 -17.67 2.83 2.10
C ASN A 45 -17.27 2.47 3.54
N GLN A 46 -18.05 2.92 4.52
CA GLN A 46 -17.79 2.61 5.92
C GLN A 46 -17.71 1.10 6.15
N ASN A 47 -18.61 0.33 5.52
CA ASN A 47 -18.70 -1.11 5.70
C ASN A 47 -17.84 -1.89 4.71
N LEU A 48 -17.01 -1.20 3.93
CA LEU A 48 -16.10 -1.86 3.00
C LEU A 48 -16.85 -2.73 2.00
N GLU A 49 -18.00 -2.26 1.51
CA GLU A 49 -18.84 -3.08 0.66
C GLU A 49 -18.40 -2.93 -0.80
N VAL A 50 -17.21 -3.46 -1.08
CA VAL A 50 -16.62 -3.37 -2.41
C VAL A 50 -17.53 -3.97 -3.49
N SER A 51 -18.25 -5.06 -3.16
CA SER A 51 -19.02 -5.79 -4.19
C SER A 51 -20.10 -4.91 -4.79
N LEU A 52 -20.78 -4.13 -3.95
CA LEU A 52 -21.80 -3.20 -4.42
C LEU A 52 -21.18 -2.10 -5.26
N LEU A 53 -19.95 -1.68 -4.93
CA LEU A 53 -19.26 -0.70 -5.75
C LEU A 53 -19.00 -1.26 -7.16
N ILE A 54 -18.44 -2.46 -7.24
CA ILE A 54 -18.14 -3.09 -8.53
C ILE A 54 -19.43 -3.29 -9.33
N ASP A 55 -20.48 -3.81 -8.66
CA ASP A 55 -21.78 -3.97 -9.32
C ASP A 55 -22.24 -2.68 -9.99
N LYS A 56 -22.16 -1.56 -9.27
CA LYS A 56 -22.68 -0.32 -9.82
C LYS A 56 -21.88 0.13 -11.05
N LEU A 57 -20.55 -0.04 -11.01
CA LEU A 57 -19.73 0.25 -12.17
C LEU A 57 -20.12 -0.61 -13.36
N ARG A 58 -20.33 -1.91 -13.11
CA ARG A 58 -20.75 -2.82 -14.17
C ARG A 58 -22.10 -2.41 -14.75
N GLU A 59 -23.06 -2.17 -13.86
CA GLU A 59 -24.38 -1.72 -14.29
C GLU A 59 -24.30 -0.47 -15.15
N ILE A 60 -23.44 0.48 -14.78
CA ILE A 60 -23.36 1.72 -15.52
C ILE A 60 -22.89 1.45 -16.95
N THR A 61 -21.81 0.65 -17.11
CA THR A 61 -21.30 0.41 -18.46
C THR A 61 -22.31 -0.29 -19.36
N LYS A 62 -23.29 -0.98 -18.79
CA LYS A 62 -24.31 -1.64 -19.61
C LYS A 62 -25.61 -0.86 -19.68
N SER A 63 -25.83 0.11 -18.79
CA SER A 63 -27.09 0.80 -18.73
C SER A 63 -27.14 2.07 -19.57
N TYR A 64 -25.98 2.64 -19.93
CA TYR A 64 -25.92 3.94 -20.58
C TYR A 64 -25.02 3.89 -21.80
N LEU A 65 -25.40 4.67 -22.81
CA LEU A 65 -24.55 4.92 -23.96
C LEU A 65 -23.97 6.31 -23.80
N PRO A 66 -22.76 6.46 -23.27
CA PRO A 66 -22.20 7.81 -23.08
C PRO A 66 -22.09 8.62 -24.36
N THR A 67 -21.99 7.98 -25.53
CA THR A 67 -21.95 8.76 -26.75
C THR A 67 -23.23 9.57 -26.93
N THR A 68 -24.29 9.24 -26.19
CA THR A 68 -25.51 10.01 -26.32
C THR A 68 -25.49 11.28 -25.48
N PHE A 69 -24.47 11.48 -24.65
CA PHE A 69 -24.53 12.52 -23.61
C PHE A 69 -24.19 13.89 -24.18
N SER A 70 -24.93 14.91 -23.73
CA SER A 70 -24.50 16.30 -23.91
C SER A 70 -23.16 16.53 -23.19
N ILE A 71 -22.56 17.71 -23.41
CA ILE A 71 -21.32 18.04 -22.73
C ILE A 71 -21.56 18.12 -21.21
N ASN A 72 -22.69 18.71 -20.82
CA ASN A 72 -22.98 18.87 -19.40
C ASN A 72 -23.26 17.54 -18.72
N ASP A 73 -24.02 16.66 -19.41
CA ASP A 73 -24.20 15.28 -18.96
C ASP A 73 -22.86 14.59 -18.70
N ALA A 74 -21.94 14.70 -19.65
CA ALA A 74 -20.66 14.00 -19.52
C ALA A 74 -19.83 14.55 -18.36
N LEU A 75 -19.85 15.88 -18.18
CA LEU A 75 -19.15 16.46 -17.03
C LEU A 75 -19.70 15.89 -15.73
N ALA A 76 -21.02 15.91 -15.56
CA ALA A 76 -21.62 15.40 -14.34
C ALA A 76 -21.42 13.88 -14.22
N ALA A 77 -21.42 13.16 -15.35
CA ALA A 77 -21.19 11.73 -15.31
C ALA A 77 -19.76 11.43 -14.90
N THR A 78 -18.81 12.24 -15.37
CA THR A 78 -17.43 12.11 -14.90
C THR A 78 -17.37 12.27 -13.39
N ARG A 79 -18.01 13.33 -12.88
CA ARG A 79 -18.06 13.58 -11.43
C ARG A 79 -18.55 12.35 -10.67
N ASP A 80 -19.67 11.77 -11.10
CA ASP A 80 -20.28 10.68 -10.35
C ASP A 80 -19.53 9.36 -10.57
N LEU A 81 -19.26 9.01 -11.83
CA LEU A 81 -18.48 7.81 -12.07
C LEU A 81 -17.10 7.91 -11.43
N GLY A 82 -16.47 9.08 -11.48
CA GLY A 82 -15.14 9.22 -10.87
C GLY A 82 -15.11 8.91 -9.38
N MET A 83 -16.14 9.36 -8.65
CA MET A 83 -16.13 9.23 -7.21
C MET A 83 -16.41 7.78 -6.79
N ILE A 84 -17.24 7.06 -7.55
CA ILE A 84 -17.36 5.63 -7.32
C ILE A 84 -16.03 4.93 -7.60
N MET A 85 -15.37 5.27 -8.71
CA MET A 85 -14.06 4.70 -9.02
C MET A 85 -13.06 4.99 -7.91
N SER A 86 -13.07 6.22 -7.38
CA SER A 86 -12.17 6.60 -6.29
C SER A 86 -12.41 5.77 -5.04
N SER A 87 -13.69 5.47 -4.76
CA SER A 87 -14.06 4.64 -3.62
C SER A 87 -13.57 3.20 -3.78
N VAL A 88 -13.54 2.67 -5.01
CA VAL A 88 -12.91 1.36 -5.23
C VAL A 88 -11.41 1.46 -5.01
N ARG A 89 -10.78 2.45 -5.64
CA ARG A 89 -9.33 2.62 -5.49
C ARG A 89 -8.94 2.81 -4.03
N LYS A 90 -9.81 3.45 -3.25
CA LYS A 90 -9.54 3.61 -1.83
C LYS A 90 -9.17 2.27 -1.17
N LEU A 91 -9.92 1.22 -1.48
CA LEU A 91 -9.63 -0.09 -0.86
C LEU A 91 -8.36 -0.75 -1.39
N GLY A 92 -7.78 -0.24 -2.48
CA GLY A 92 -6.58 -0.82 -3.05
C GLY A 92 -6.72 -1.46 -4.41
N ILE A 93 -7.94 -1.53 -4.96
CA ILE A 93 -8.22 -2.15 -6.26
C ILE A 93 -8.20 -1.08 -7.33
N GLN A 94 -7.47 -1.34 -8.42
CA GLN A 94 -7.60 -0.44 -9.56
C GLN A 94 -8.93 -0.69 -10.24
N PRO A 95 -9.88 0.26 -10.23
CA PRO A 95 -11.23 -0.06 -10.73
C PRO A 95 -11.30 -0.31 -12.23
N VAL A 96 -10.43 0.29 -13.04
CA VAL A 96 -10.53 0.00 -14.47
C VAL A 96 -9.96 -1.39 -14.75
N SER A 97 -9.00 -1.85 -13.94
CA SER A 97 -8.53 -3.21 -14.06
C SER A 97 -9.58 -4.23 -13.62
N ALA A 98 -10.41 -3.90 -12.64
CA ALA A 98 -11.42 -4.84 -12.19
C ALA A 98 -12.64 -4.85 -13.10
N VAL A 99 -13.00 -3.70 -13.66
CA VAL A 99 -14.17 -3.57 -14.53
C VAL A 99 -13.64 -3.06 -15.87
N SER A 100 -13.23 -4.00 -16.72
CA SER A 100 -12.47 -3.62 -17.92
C SER A 100 -13.30 -2.83 -18.93
N ASP A 101 -14.63 -3.01 -18.94
CA ASP A 101 -15.53 -2.24 -19.81
C ASP A 101 -15.54 -0.74 -19.49
N LEU A 102 -15.10 -0.35 -18.29
CA LEU A 102 -15.02 1.08 -17.96
C LEU A 102 -14.11 1.84 -18.92
N GLU A 103 -13.11 1.16 -19.48
CA GLU A 103 -12.08 1.90 -20.18
C GLU A 103 -12.64 2.58 -21.41
N VAL A 104 -13.53 1.91 -22.14
CA VAL A 104 -14.10 2.56 -23.32
C VAL A 104 -15.19 3.55 -22.91
N PHE A 105 -15.90 3.28 -21.82
CA PHE A 105 -16.86 4.23 -21.26
C PHE A 105 -16.15 5.53 -20.87
N LEU A 106 -14.99 5.40 -20.21
CA LEU A 106 -14.24 6.58 -19.82
C LEU A 106 -13.59 7.24 -21.03
N GLU A 107 -13.15 6.45 -22.01
CA GLU A 107 -12.69 7.03 -23.27
C GLU A 107 -13.78 7.88 -23.91
N THR A 108 -14.98 7.31 -24.05
CA THR A 108 -16.07 8.03 -24.71
C THR A 108 -16.40 9.31 -23.96
N LEU A 109 -16.40 9.26 -22.62
CA LEU A 109 -16.74 10.44 -21.84
C LEU A 109 -15.71 11.54 -22.01
N SER A 110 -14.43 11.19 -22.04
CA SER A 110 -13.43 12.25 -22.07
C SER A 110 -13.30 12.86 -23.48
N GLU A 111 -13.68 12.12 -24.51
CA GLU A 111 -13.80 12.72 -25.83
C GLU A 111 -14.80 13.85 -25.84
N ILE A 112 -15.85 13.75 -25.02
CA ILE A 112 -16.90 14.75 -24.99
C ILE A 112 -16.56 15.92 -24.08
N THR A 113 -16.07 15.64 -22.86
CA THR A 113 -15.67 16.71 -21.96
C THR A 113 -14.37 17.40 -22.38
N ASN A 114 -13.61 16.79 -23.29
CA ASN A 114 -12.19 17.09 -23.53
C ASN A 114 -11.44 17.39 -22.22
N MET A 115 -11.69 16.55 -21.22
CA MET A 115 -11.00 16.59 -19.93
C MET A 115 -10.56 15.18 -19.54
N VAL A 116 -9.78 15.07 -18.46
CA VAL A 116 -9.26 13.78 -18.00
C VAL A 116 -10.44 12.88 -17.66
N PRO A 117 -10.29 11.51 -17.79
CA PRO A 117 -11.36 10.56 -17.43
C PRO A 117 -11.45 10.30 -15.92
N ARG A 118 -11.53 11.37 -15.13
CA ARG A 118 -11.49 11.31 -13.67
C ARG A 118 -12.07 12.61 -13.12
N GLU A 119 -12.61 12.52 -11.91
CA GLU A 119 -13.10 13.72 -11.26
C GLU A 119 -11.92 14.55 -10.76
N THR A 120 -12.10 15.87 -10.80
CA THR A 120 -11.16 16.82 -10.23
C THR A 120 -11.91 17.63 -9.18
N SER A 121 -11.23 18.59 -8.55
CA SER A 121 -11.89 19.46 -7.57
C SER A 121 -13.03 20.28 -8.18
N TYR A 122 -13.03 20.50 -9.50
CA TYR A 122 -14.20 21.14 -10.11
C TYR A 122 -15.44 20.29 -9.89
N HIS A 123 -15.32 18.99 -10.17
CA HIS A 123 -16.44 18.08 -10.00
C HIS A 123 -16.85 17.96 -8.54
N TYR A 124 -15.86 18.03 -7.63
CA TYR A 124 -16.06 17.80 -6.19
C TYR A 124 -16.60 19.03 -5.49
N GLY A 125 -16.48 20.20 -6.13
CA GLY A 125 -16.82 21.47 -5.53
C GLY A 125 -17.91 22.18 -6.31
N PRO A 126 -17.53 23.10 -7.20
CA PRO A 126 -18.55 23.91 -7.88
C PRO A 126 -19.59 23.08 -8.64
N TRP A 127 -19.20 21.94 -9.21
CA TRP A 127 -20.12 21.09 -9.96
C TRP A 127 -20.80 20.04 -9.08
N ASN A 128 -20.61 20.13 -7.77
CA ASN A 128 -21.19 19.17 -6.84
C ASN A 128 -22.38 19.84 -6.19
N PRO A 129 -23.60 19.30 -6.29
CA PRO A 129 -24.78 20.04 -5.82
C PRO A 129 -24.74 20.33 -4.32
N ILE A 130 -25.33 21.44 -3.97
CA ILE A 130 -25.52 21.81 -2.56
C ILE A 130 -26.69 20.99 -2.02
N GLY A 131 -26.61 20.65 -0.73
CA GLY A 131 -27.78 20.11 -0.07
C GLY A 131 -27.86 18.60 -0.02
N GLU A 132 -29.08 18.05 -0.17
CA GLU A 132 -29.29 16.62 0.04
C GLU A 132 -28.64 15.78 -1.06
N ARG A 133 -28.47 16.34 -2.25
CA ARG A 133 -27.87 15.59 -3.35
C ARG A 133 -26.35 15.64 -3.35
N GLU A 134 -25.74 16.38 -2.43
CA GLU A 134 -24.30 16.55 -2.42
C GLU A 134 -23.59 15.21 -2.41
N ARG A 135 -22.63 15.04 -3.32
CA ARG A 135 -21.88 13.79 -3.38
C ARG A 135 -20.73 13.82 -2.38
N ARG A 136 -20.67 12.80 -1.51
CA ARG A 136 -19.67 12.72 -0.45
CA ARG A 136 -19.64 12.72 -0.50
C ARG A 136 -19.15 11.28 -0.40
N PHE A 137 -17.85 11.14 -0.07
CA PHE A 137 -17.27 9.82 0.10
C PHE A 137 -17.70 9.21 1.43
N THR A 138 -17.83 10.03 2.47
CA THR A 138 -17.93 9.54 3.84
C THR A 138 -19.04 10.25 4.59
N HIS A 139 -19.32 9.76 5.79
CA HIS A 139 -20.27 10.38 6.70
CA HIS A 139 -20.28 10.42 6.65
C HIS A 139 -19.62 11.40 7.60
N PHE A 140 -18.30 11.57 7.52
CA PHE A 140 -17.57 12.48 8.41
C PHE A 140 -17.87 13.94 8.06
N PRO A 141 -18.31 14.76 9.01
CA PRO A 141 -18.55 16.16 8.70
C PRO A 141 -17.29 16.89 8.30
N ASP A 142 -16.11 16.37 8.67
CA ASP A 142 -14.86 16.95 8.21
C ASP A 142 -14.77 17.00 6.69
N GLU A 143 -15.43 16.07 5.98
CA GLU A 143 -15.39 16.09 4.53
C GLU A 143 -16.02 17.34 3.97
N ARG A 144 -17.03 17.88 4.65
CA ARG A 144 -17.63 19.12 4.17
C ARG A 144 -16.63 20.27 4.14
N GLY A 145 -15.57 20.22 4.95
CA GLY A 145 -14.56 21.28 4.90
C GLY A 145 -13.81 21.34 3.59
N LEU A 146 -13.54 20.17 2.98
CA LEU A 146 -12.86 20.14 1.69
C LEU A 146 -13.78 20.60 0.58
N ILE A 147 -15.01 20.07 0.59
CA ILE A 147 -15.94 20.35 -0.50
C ILE A 147 -16.28 21.84 -0.53
N GLU A 148 -16.69 22.38 0.61
CA GLU A 148 -16.99 23.81 0.66
C GLU A 148 -15.75 24.64 0.35
N GLY A 149 -14.57 24.18 0.79
CA GLY A 149 -13.35 24.92 0.50
C GLY A 149 -13.17 25.19 -0.99
N VAL A 150 -13.27 24.14 -1.81
CA VAL A 150 -13.08 24.29 -3.25
C VAL A 150 -14.33 24.86 -3.93
N ARG A 151 -15.53 24.52 -3.45
CA ARG A 151 -16.72 25.10 -4.04
C ARG A 151 -16.72 26.63 -3.92
N ILE A 152 -16.21 27.15 -2.80
CA ILE A 152 -16.10 28.59 -2.62
C ILE A 152 -14.95 29.14 -3.44
N ALA A 153 -13.78 28.51 -3.35
CA ALA A 153 -12.57 29.08 -3.93
C ALA A 153 -12.69 29.26 -5.45
N ILE A 154 -13.18 28.26 -6.17
CA ILE A 154 -12.94 28.17 -7.61
C ILE A 154 -13.63 29.29 -8.39
N PRO A 155 -14.93 29.55 -8.21
CA PRO A 155 -15.54 30.65 -9.00
C PRO A 155 -14.88 31.99 -8.77
N GLY A 156 -14.49 32.29 -7.53
CA GLY A 156 -13.80 33.54 -7.27
C GLY A 156 -12.47 33.64 -7.98
N ILE A 157 -11.68 32.56 -7.95
CA ILE A 157 -10.38 32.57 -8.63
C ILE A 157 -10.56 32.72 -10.13
N GLU A 158 -11.60 32.09 -10.68
CA GLU A 158 -11.85 32.19 -12.11
C GLU A 158 -12.15 33.64 -12.49
N LEU A 159 -13.02 34.30 -11.73
CA LEU A 159 -13.26 35.73 -11.95
C LEU A 159 -11.97 36.52 -11.87
N ALA A 160 -11.12 36.22 -10.88
CA ALA A 160 -9.86 36.96 -10.75
C ALA A 160 -8.96 36.78 -11.96
N ILE A 161 -8.95 35.56 -12.54
CA ILE A 161 -8.12 35.27 -13.70
C ILE A 161 -8.46 36.20 -14.86
N ARG A 162 -9.76 36.37 -15.13
CA ARG A 162 -10.18 37.21 -16.26
C ARG A 162 -9.87 38.67 -16.00
N GLU A 163 -9.85 39.07 -14.72
CA GLU A 163 -9.57 40.45 -14.38
C GLU A 163 -8.08 40.74 -14.47
N ILE A 164 -7.27 39.81 -13.97
CA ILE A 164 -5.83 39.96 -14.04
C ILE A 164 -5.35 39.88 -15.48
N ASN A 165 -6.06 39.11 -16.32
CA ASN A 165 -5.69 38.99 -17.73
C ASN A 165 -5.79 40.35 -18.44
N GLN A 166 -6.68 41.23 -17.97
CA GLN A 166 -6.87 42.54 -18.59
C GLN A 166 -5.85 43.57 -18.13
N LEU A 167 -5.07 43.26 -17.09
CA LEU A 167 -4.13 44.24 -16.55
C LEU A 167 -3.00 44.53 -17.52
N SER A 168 -2.64 43.54 -18.34
CA SER A 168 -1.49 43.69 -19.23
C SER A 168 -1.68 44.81 -20.23
N ASN A 169 -2.92 45.06 -20.65
CA ASN A 169 -3.21 46.05 -21.67
C ASN A 169 -3.72 47.36 -21.09
N LEU A 170 -3.58 47.57 -19.77
CA LEU A 170 -3.96 48.83 -19.15
C LEU A 170 -2.73 49.49 -18.57
N SER A 171 -2.75 50.81 -18.53
CA SER A 171 -1.62 51.57 -18.01
C SER A 171 -1.72 51.70 -16.50
N LEU A 172 -0.56 51.71 -15.84
CA LEU A 172 -0.55 51.94 -14.40
C LEU A 172 -1.21 53.27 -14.07
N ASN A 173 -1.07 54.26 -14.96
CA ASN A 173 -1.68 55.57 -14.76
C ASN A 173 -3.18 55.57 -15.01
N ASP A 174 -3.72 54.49 -15.58
CA ASP A 174 -5.15 54.40 -15.84
C ASP A 174 -5.85 53.89 -14.59
N PRO A 175 -6.83 54.62 -14.04
CA PRO A 175 -7.51 54.13 -12.83
C PRO A 175 -8.31 52.85 -13.06
N ALA A 176 -8.61 52.51 -14.32
CA ALA A 176 -9.22 51.22 -14.61
C ALA A 176 -8.30 50.07 -14.23
N PHE A 177 -6.99 50.29 -14.29
CA PHE A 177 -6.03 49.29 -13.83
C PHE A 177 -6.23 49.02 -12.35
N GLU A 178 -6.28 50.09 -11.55
CA GLU A 178 -6.43 49.95 -10.10
C GLU A 178 -7.74 49.25 -9.75
N SER A 179 -8.84 49.67 -10.39
CA SER A 179 -10.13 49.07 -10.12
C SER A 179 -10.15 47.58 -10.45
N LEU A 180 -9.60 47.22 -11.63
CA LEU A 180 -9.53 45.81 -12.03
C LEU A 180 -8.75 44.98 -11.03
N ALA A 181 -7.56 45.46 -10.65
CA ALA A 181 -6.73 44.72 -9.69
C ALA A 181 -7.43 44.61 -8.34
N LYS A 182 -8.14 45.66 -7.92
CA LYS A 182 -8.90 45.59 -6.68
C LYS A 182 -10.03 44.56 -6.78
N SER A 183 -10.73 44.52 -7.91
CA SER A 183 -11.73 43.47 -8.10
C SER A 183 -11.10 42.08 -8.04
N ALA A 184 -9.86 41.95 -8.51
CA ALA A 184 -9.21 40.64 -8.53
C ALA A 184 -8.85 40.19 -7.11
N ALA A 185 -8.31 41.10 -6.30
CA ALA A 185 -7.99 40.77 -4.91
C ALA A 185 -9.25 40.39 -4.14
N LEU A 186 -10.36 41.09 -4.41
CA LEU A 186 -11.60 40.77 -3.71
C LEU A 186 -12.12 39.40 -4.14
N HIS A 187 -11.97 39.08 -5.43
CA HIS A 187 -12.37 37.77 -5.93
C HIS A 187 -11.47 36.66 -5.40
N VAL A 188 -10.17 36.92 -5.26
CA VAL A 188 -9.26 35.94 -4.70
C VAL A 188 -9.55 35.68 -3.22
N TYR A 189 -10.06 36.68 -2.50
CA TYR A 189 -10.44 36.51 -1.10
C TYR A 189 -11.39 35.33 -0.93
N GLN A 190 -12.09 34.92 -1.98
CA GLN A 190 -12.96 33.76 -1.87
C GLN A 190 -12.16 32.49 -1.59
N ALA A 191 -10.95 32.38 -2.16
CA ALA A 191 -10.04 31.32 -1.74
C ALA A 191 -9.69 31.43 -0.27
N VAL A 192 -9.59 32.66 0.26
CA VAL A 192 -9.33 32.82 1.69
C VAL A 192 -10.53 32.36 2.49
N ASP A 193 -11.74 32.81 2.11
CA ASP A 193 -12.95 32.29 2.73
C ASP A 193 -12.97 30.76 2.73
N GLY A 194 -12.47 30.15 1.65
CA GLY A 194 -12.62 28.72 1.48
C GLY A 194 -11.69 27.92 2.37
N ILE A 195 -10.43 28.33 2.46
CA ILE A 195 -9.54 27.58 3.34
C ILE A 195 -9.93 27.81 4.79
N GLY A 196 -10.55 28.95 5.10
CA GLY A 196 -11.07 29.15 6.45
C GLY A 196 -12.20 28.22 6.79
N GLU A 197 -13.09 27.95 5.82
CA GLU A 197 -14.12 26.94 6.08
C GLU A 197 -13.47 25.59 6.35
N THR A 198 -12.36 25.30 5.66
CA THR A 198 -11.69 24.02 5.86
C THR A 198 -11.07 23.95 7.25
N ILE A 199 -10.32 24.99 7.62
CA ILE A 199 -9.63 25.01 8.91
C ILE A 199 -10.62 24.85 10.05
N LYS A 200 -11.83 25.40 9.91
CA LYS A 200 -12.82 25.30 10.96
C LYS A 200 -13.64 24.01 10.91
N LYS A 201 -13.61 23.25 9.81
CA LYS A 201 -14.46 22.07 9.72
C LYS A 201 -13.72 20.74 9.62
N THR A 202 -12.42 20.73 9.29
CA THR A 202 -11.71 19.50 8.93
C THR A 202 -10.57 19.28 9.92
N ASP A 203 -10.74 18.30 10.79
CA ASP A 203 -9.67 17.91 11.71
C ASP A 203 -8.52 17.28 10.93
N PRO A 204 -7.28 17.71 11.17
CA PRO A 204 -6.15 17.14 10.45
C PRO A 204 -6.06 15.60 10.54
N TYR A 205 -6.26 15.05 11.74
CA TYR A 205 -6.16 13.61 11.91
C TYR A 205 -7.25 12.88 11.14
N VAL A 206 -8.49 13.37 11.23
CA VAL A 206 -9.57 12.75 10.45
C VAL A 206 -9.27 12.85 8.95
N PHE A 207 -8.66 13.95 8.51
CA PHE A 207 -8.30 14.05 7.09
C PHE A 207 -7.37 12.91 6.69
N SER A 208 -6.20 12.83 7.35
CA SER A 208 -5.19 11.86 6.97
C SER A 208 -5.74 10.44 7.05
N HIS A 209 -6.67 10.19 7.96
CA HIS A 209 -7.10 8.82 8.20
C HIS A 209 -8.37 8.44 7.46
N GLU A 210 -9.30 9.37 7.28
CA GLU A 210 -10.62 9.08 6.71
C GLU A 210 -10.82 9.61 5.29
N LEU A 211 -10.13 10.66 4.88
CA LEU A 211 -10.49 11.32 3.63
C LEU A 211 -9.45 11.19 2.54
N ARG A 212 -8.20 11.50 2.84
CA ARG A 212 -7.05 11.39 1.94
C ARG A 212 -7.06 10.09 1.13
N PRO A 213 -7.39 8.92 1.69
CA PRO A 213 -7.38 7.69 0.88
C PRO A 213 -8.35 7.68 -0.30
N PHE A 214 -9.33 8.59 -0.37
CA PHE A 214 -10.20 8.67 -1.54
C PHE A 214 -9.60 9.53 -2.64
N PHE A 215 -8.36 9.96 -2.51
CA PHE A 215 -7.76 10.86 -3.48
C PHE A 215 -6.46 10.29 -4.06
N ASP A 216 -6.43 8.98 -4.37
CA ASP A 216 -5.23 8.32 -4.87
C ASP A 216 -5.33 8.13 -6.39
N PRO A 217 -4.20 7.87 -7.03
CA PRO A 217 -4.20 7.79 -8.50
C PRO A 217 -4.86 6.53 -9.05
N ILE A 218 -5.37 6.64 -10.26
CA ILE A 218 -6.08 5.55 -10.93
C ILE A 218 -5.54 5.38 -12.34
N ARG A 219 -5.35 4.13 -12.74
CA ARG A 219 -4.77 3.79 -14.03
C ARG A 219 -5.89 3.63 -15.06
N ILE A 220 -5.86 4.45 -16.10
CA ILE A 220 -6.89 4.44 -17.13
C ILE A 220 -6.20 4.53 -18.48
N GLY A 221 -6.37 3.50 -19.30
CA GLY A 221 -5.71 3.46 -20.59
C GLY A 221 -4.21 3.67 -20.51
N GLY A 222 -3.54 2.85 -19.69
CA GLY A 222 -2.09 2.89 -19.62
C GLY A 222 -1.49 4.15 -19.05
N LYS A 223 -2.27 4.98 -18.36
CA LYS A 223 -1.74 6.17 -17.72
C LYS A 223 -2.39 6.36 -16.36
N SER A 224 -1.66 7.01 -15.47
CA SER A 224 -2.11 7.22 -14.10
C SER A 224 -2.64 8.64 -13.97
N TYR A 225 -3.81 8.77 -13.35
CA TYR A 225 -4.49 10.06 -13.17
C TYR A 225 -4.66 10.31 -11.68
N ILE A 226 -4.03 11.37 -11.17
CA ILE A 226 -4.15 11.65 -9.76
C ILE A 226 -5.60 11.95 -9.36
N GLY A 227 -5.88 11.82 -8.05
CA GLY A 227 -7.19 12.12 -7.51
C GLY A 227 -7.46 13.63 -7.43
N ALA A 228 -8.70 13.96 -7.08
CA ALA A 228 -9.08 15.35 -6.95
C ALA A 228 -8.30 15.98 -5.80
N GLY A 229 -8.03 17.26 -5.92
CA GLY A 229 -7.14 17.91 -4.96
C GLY A 229 -7.36 19.40 -4.97
N GLY A 230 -7.21 20.02 -3.78
CA GLY A 230 -7.31 21.46 -3.69
C GLY A 230 -6.34 22.20 -4.60
N GLY A 231 -5.19 21.57 -4.88
CA GLY A 231 -4.18 22.11 -5.75
C GLY A 231 -4.64 22.28 -7.19
N GLN A 232 -5.75 21.64 -7.56
CA GLN A 232 -6.41 21.77 -8.84
C GLN A 232 -7.34 22.98 -8.96
N ILE A 233 -7.64 23.71 -7.87
CA ILE A 233 -8.28 25.02 -8.07
C ILE A 233 -7.31 25.86 -8.91
N PRO A 234 -7.79 26.72 -9.80
CA PRO A 234 -6.87 27.37 -10.74
C PRO A 234 -6.07 28.55 -10.15
N LEU A 235 -5.68 28.44 -8.88
CA LEU A 235 -4.85 29.49 -8.29
C LEU A 235 -3.50 29.58 -8.99
N PHE A 236 -2.91 28.42 -9.37
CA PHE A 236 -1.65 28.51 -10.09
C PHE A 236 -1.78 29.31 -11.38
N VAL A 237 -2.99 29.36 -11.98
CA VAL A 237 -3.17 30.18 -13.17
C VAL A 237 -3.05 31.66 -12.84
N VAL A 238 -3.60 32.08 -11.69
CA VAL A 238 -3.36 33.44 -11.21
C VAL A 238 -1.86 33.72 -11.10
N ASP A 239 -1.13 32.78 -10.47
CA ASP A 239 0.31 32.94 -10.25
C ASP A 239 1.06 33.18 -11.55
N VAL A 240 0.77 32.37 -12.58
CA VAL A 240 1.59 32.40 -13.78
C VAL A 240 1.38 33.72 -14.53
N LYS A 241 0.13 34.15 -14.61
CA LYS A 241 -0.15 35.44 -15.21
C LYS A 241 0.39 36.58 -14.35
N LEU A 242 0.31 36.45 -13.03
CA LEU A 242 0.58 37.61 -12.19
C LEU A 242 2.06 37.80 -11.88
N TRP A 243 2.77 36.73 -11.54
CA TRP A 243 4.16 36.93 -11.12
C TRP A 243 5.14 35.88 -11.63
N LEU A 244 4.71 34.68 -11.99
CA LEU A 244 5.68 33.66 -12.38
C LEU A 244 6.12 33.81 -13.84
N GLY A 245 5.15 33.92 -14.75
CA GLY A 245 5.46 34.11 -16.17
C GLY A 245 6.39 33.04 -16.71
N ASN A 246 7.32 33.47 -17.56
CA ASN A 246 8.36 32.60 -18.12
C ASN A 246 9.70 32.76 -17.41
N HIS A 247 9.69 33.15 -16.13
CA HIS A 247 10.90 33.64 -15.47
C HIS A 247 11.68 32.58 -14.72
N SER A 248 11.07 31.44 -14.37
CA SER A 248 11.77 30.38 -13.63
C SER A 248 11.62 29.05 -14.35
N PRO A 249 12.26 28.90 -15.51
CA PRO A 249 11.92 27.76 -16.40
C PRO A 249 12.04 26.37 -15.77
N ASN A 250 13.14 26.08 -15.09
CA ASN A 250 13.34 24.72 -14.60
C ASN A 250 12.91 24.55 -13.15
N SER A 251 11.98 25.38 -12.67
CA SER A 251 11.56 25.32 -11.28
C SER A 251 10.57 24.19 -11.04
N GLU A 252 10.52 23.73 -9.78
CA GLU A 252 9.58 22.68 -9.41
C GLU A 252 8.13 23.12 -9.61
N TYR A 253 7.83 24.39 -9.34
CA TYR A 253 6.48 24.87 -9.55
C TYR A 253 6.08 24.82 -11.02
N VAL A 254 6.98 25.21 -11.93
CA VAL A 254 6.68 25.12 -13.36
C VAL A 254 6.37 23.68 -13.76
N SER A 255 7.05 22.70 -13.15
CA SER A 255 6.78 21.31 -13.47
C SER A 255 5.41 20.86 -12.99
N PHE A 256 5.01 21.33 -11.79
CA PHE A 256 3.65 21.08 -11.29
C PHE A 256 2.60 21.69 -12.22
N ILE A 257 2.79 22.95 -12.60
CA ILE A 257 1.85 23.63 -13.48
C ILE A 257 1.74 22.90 -14.80
N LYS A 258 2.90 22.60 -15.40
CA LYS A 258 2.96 21.79 -16.62
C LYS A 258 2.11 20.52 -16.51
N ASP A 259 2.24 19.79 -15.39
CA ASP A 259 1.48 18.57 -15.18
C ASP A 259 0.00 18.83 -14.96
N SER A 260 -0.37 20.07 -14.62
CA SER A 260 -1.73 20.43 -14.28
C SER A 260 -2.53 21.00 -15.44
N VAL A 261 -1.87 21.42 -16.52
CA VAL A 261 -2.54 22.19 -17.59
C VAL A 261 -3.74 21.42 -18.14
N PHE A 262 -3.56 20.16 -18.47
CA PHE A 262 -4.64 19.46 -19.15
C PHE A 262 -5.61 18.79 -18.20
N TYR A 263 -5.43 18.98 -16.88
CA TYR A 263 -6.48 18.71 -15.90
C TYR A 263 -7.51 19.85 -15.86
N LEU A 264 -7.05 21.08 -16.04
CA LEU A 264 -7.93 22.25 -16.07
C LEU A 264 -9.11 22.06 -17.03
N PRO A 265 -10.26 22.67 -16.76
CA PRO A 265 -11.28 22.84 -17.81
C PRO A 265 -10.66 23.41 -19.08
N PRO A 266 -11.14 22.99 -20.25
CA PRO A 266 -10.51 23.44 -21.50
C PRO A 266 -10.42 24.96 -21.62
N GLU A 267 -11.42 25.69 -21.11
CA GLU A 267 -11.48 27.15 -21.29
C GLU A 267 -10.26 27.85 -20.66
N LEU A 268 -9.66 27.25 -19.62
CA LEU A 268 -8.53 27.89 -18.95
C LEU A 268 -7.18 27.53 -19.56
N ARG A 269 -7.11 26.49 -20.39
CA ARG A 269 -5.81 26.04 -20.90
C ARG A 269 -5.09 27.12 -21.71
N PRO A 270 -5.72 27.80 -22.69
CA PRO A 270 -4.98 28.85 -23.43
C PRO A 270 -4.38 29.93 -22.54
N ILE A 271 -5.15 30.42 -21.55
CA ILE A 271 -4.64 31.46 -20.66
C ILE A 271 -3.39 30.97 -19.95
N CYS A 272 -3.46 29.76 -19.41
CA CYS A 272 -2.31 29.19 -18.70
C CYS A 272 -1.12 29.07 -19.63
N VAL A 273 -1.34 28.52 -20.83
CA VAL A 273 -0.23 28.25 -21.74
C VAL A 273 0.43 29.57 -22.17
N ASP A 274 -0.38 30.51 -22.70
CA ASP A 274 0.14 31.84 -23.03
C ASP A 274 0.95 32.45 -21.89
N SER A 275 0.48 32.28 -20.65
CA SER A 275 1.11 32.98 -19.54
C SER A 275 2.46 32.37 -19.20
N LEU A 276 2.57 31.04 -19.30
CA LEU A 276 3.87 30.38 -19.14
C LEU A 276 4.90 30.81 -20.19
N LEU A 277 4.45 31.40 -21.30
CA LEU A 277 5.33 31.74 -22.40
C LEU A 277 5.58 33.24 -22.51
N GLU A 278 5.19 34.01 -21.50
CA GLU A 278 5.23 35.48 -21.57
C GLU A 278 5.73 36.03 -20.25
N PRO A 279 6.33 37.22 -20.26
CA PRO A 279 6.62 37.89 -18.98
C PRO A 279 5.33 38.06 -18.18
N SER A 280 5.47 38.00 -16.85
CA SER A 280 4.34 38.21 -15.97
C SER A 280 3.90 39.67 -15.98
N VAL A 281 2.65 39.88 -15.53
CA VAL A 281 2.15 41.25 -15.35
C VAL A 281 3.10 42.07 -14.48
N ILE A 282 3.52 41.52 -13.33
CA ILE A 282 4.29 42.32 -12.39
C ILE A 282 5.68 42.65 -12.95
N ASN A 283 6.32 41.70 -13.64
CA ASN A 283 7.57 42.01 -14.32
C ASN A 283 7.38 43.09 -15.38
N GLN A 284 6.28 43.00 -16.13
CA GLN A 284 5.93 44.01 -17.12
C GLN A 284 5.67 45.37 -16.46
N LYS A 285 4.98 45.37 -15.31
CA LYS A 285 4.64 46.61 -14.63
C LYS A 285 5.78 47.16 -13.80
N PHE A 286 6.71 46.31 -13.36
CA PHE A 286 7.93 46.83 -12.75
C PHE A 286 8.72 47.66 -13.75
N ALA A 287 8.73 47.25 -15.02
CA ALA A 287 9.44 48.00 -16.06
C ALA A 287 8.73 49.32 -16.34
N GLU A 288 7.43 49.27 -16.59
CA GLU A 288 6.68 50.49 -16.84
C GLU A 288 6.80 51.47 -15.68
N PHE A 289 6.84 50.96 -14.45
CA PHE A 289 6.93 51.84 -13.27
C PHE A 289 8.22 52.65 -13.28
N GLY A 290 9.36 51.97 -13.41
CA GLY A 290 10.65 52.63 -13.41
C GLY A 290 11.07 53.12 -14.78
N SER A 291 10.10 53.44 -15.62
CA SER A 291 10.39 53.95 -16.95
C SER A 291 9.37 54.96 -17.44
N VAL A 292 8.36 55.32 -16.65
CA VAL A 292 7.38 56.32 -17.03
C VAL A 292 7.27 57.34 -15.90
N GLU A 293 6.51 58.39 -16.19
CA GLU A 293 6.27 59.45 -15.22
C GLU A 293 5.44 58.90 -14.06
N ILE A 294 6.06 58.82 -12.89
CA ILE A 294 5.39 58.25 -11.71
C ILE A 294 4.45 59.28 -11.12
N THR A 295 3.15 58.99 -11.14
CA THR A 295 2.10 59.87 -10.64
C THR A 295 1.35 59.19 -9.50
N ASP A 296 0.36 59.92 -8.95
CA ASP A 296 -0.39 59.40 -7.81
C ASP A 296 -1.22 58.18 -8.20
N GLN A 297 -1.81 58.18 -9.40
CA GLN A 297 -2.56 57.01 -9.84
C GLN A 297 -1.64 55.85 -10.13
N VAL A 298 -0.41 56.13 -10.60
CA VAL A 298 0.56 55.08 -10.89
C VAL A 298 0.94 54.33 -9.62
N ILE A 299 1.10 55.05 -8.51
CA ILE A 299 1.38 54.38 -7.24
C ILE A 299 0.19 53.55 -6.80
N LYS A 300 -1.03 54.09 -6.93
CA LYS A 300 -2.22 53.32 -6.64
C LYS A 300 -2.25 52.03 -7.45
N GLY A 301 -1.97 52.14 -8.76
CA GLY A 301 -1.91 50.96 -9.60
C GLY A 301 -0.95 49.92 -9.06
N MET A 302 0.30 50.34 -8.80
CA MET A 302 1.30 49.42 -8.29
C MET A 302 0.87 48.86 -6.94
N GLU A 303 0.22 49.69 -6.12
CA GLU A 303 -0.27 49.24 -4.83
C GLU A 303 -1.42 48.25 -4.98
N SER A 304 -2.19 48.33 -6.06
CA SER A 304 -3.23 47.34 -6.28
C SER A 304 -2.65 45.97 -6.62
N LEU A 305 -1.43 45.91 -7.18
CA LEU A 305 -0.81 44.61 -7.44
C LEU A 305 -0.30 43.99 -6.15
N LEU A 306 0.24 44.79 -5.25
CA LEU A 306 0.65 44.27 -3.97
C LEU A 306 -0.57 43.81 -3.15
N SER A 307 -1.72 44.48 -3.34
CA SER A 307 -2.94 44.03 -2.68
C SER A 307 -3.30 42.60 -3.10
N VAL A 308 -3.26 42.30 -4.40
CA VAL A 308 -3.55 40.94 -4.85
C VAL A 308 -2.56 39.97 -4.23
N ILE A 309 -1.27 40.26 -4.34
CA ILE A 309 -0.25 39.38 -3.79
C ILE A 309 -0.50 39.17 -2.29
N GLN A 310 -0.93 40.22 -1.59
CA GLN A 310 -1.13 40.06 -0.16
C GLN A 310 -2.37 39.22 0.14
N VAL A 311 -3.35 39.21 -0.76
CA VAL A 311 -4.47 38.28 -0.60
C VAL A 311 -4.03 36.85 -0.85
N LEU A 312 -3.15 36.63 -1.83
CA LEU A 312 -2.61 35.28 -2.02
C LEU A 312 -1.90 34.78 -0.76
N LEU A 313 -1.24 35.68 -0.01
CA LEU A 313 -0.57 35.25 1.22
C LEU A 313 -1.56 34.90 2.31
N LYS A 314 -2.71 35.59 2.35
CA LYS A 314 -3.72 35.26 3.35
C LYS A 314 -4.36 33.90 3.07
N PHE A 315 -4.20 33.36 1.88
CA PHE A 315 -4.57 31.96 1.68
C PHE A 315 -3.42 31.03 2.03
N ARG A 316 -2.20 31.34 1.57
CA ARG A 316 -1.13 30.35 1.63
C ARG A 316 -0.56 30.16 3.04
N LYS A 317 -0.54 31.22 3.87
CA LYS A 317 0.00 31.08 5.22
C LYS A 317 -0.85 30.15 6.08
N PRO A 318 -2.18 30.31 6.16
CA PRO A 318 -2.93 29.31 6.92
C PRO A 318 -2.98 27.95 6.23
N HIS A 319 -2.91 27.90 4.89
CA HIS A 319 -2.86 26.60 4.20
C HIS A 319 -1.64 25.81 4.63
N PHE A 320 -0.47 26.46 4.62
CA PHE A 320 0.76 25.81 5.04
C PHE A 320 0.64 25.25 6.46
N GLN A 321 0.04 26.02 7.39
CA GLN A 321 -0.08 25.59 8.78
C GLN A 321 -0.97 24.36 8.89
N LEU A 322 -2.11 24.38 8.20
CA LEU A 322 -3.03 23.24 8.25
C LEU A 322 -2.39 22.00 7.63
N ALA A 323 -1.66 22.17 6.52
CA ALA A 323 -0.96 21.05 5.91
C ALA A 323 0.13 20.53 6.83
N GLN A 324 0.74 21.42 7.63
CA GLN A 324 1.80 20.97 8.53
C GLN A 324 1.25 20.19 9.71
N ARG A 325 0.12 20.63 10.29
CA ARG A 325 -0.48 19.87 11.37
C ARG A 325 -1.00 18.52 10.89
N THR A 326 -1.35 18.42 9.61
CA THR A 326 -1.91 17.21 9.04
C THR A 326 -0.82 16.16 8.75
N LEU A 327 0.33 16.60 8.23
CA LEU A 327 1.43 15.72 7.84
C LEU A 327 2.42 15.47 8.95
N SER A 328 2.16 15.98 10.15
CA SER A 328 3.02 15.69 11.29
C SER A 328 2.99 14.20 11.60
N LYS A 329 4.05 13.72 12.25
CA LYS A 329 4.10 12.32 12.66
C LYS A 329 2.86 11.91 13.46
N GLU A 330 2.32 12.84 14.24
CA GLU A 330 1.15 12.53 15.05
C GLU A 330 -0.09 12.27 14.20
N ASN A 331 -0.25 13.03 13.11
CA ASN A 331 -1.53 13.05 12.40
C ASN A 331 -1.53 12.48 10.98
N ARG A 332 -0.37 12.16 10.42
CA ARG A 332 -0.27 11.90 8.98
C ARG A 332 -0.81 10.55 8.53
N GLY A 333 -1.05 9.60 9.44
CA GLY A 333 -1.56 8.30 9.03
C GLY A 333 -0.60 7.61 8.07
N ASN A 334 -1.13 7.05 6.99
CA ASN A 334 -0.35 6.30 6.03
C ASN A 334 0.24 7.17 4.91
N TYR A 335 0.15 8.48 5.03
CA TYR A 335 0.51 9.38 3.93
C TYR A 335 1.57 10.38 4.35
N THR A 336 2.45 10.72 3.40
CA THR A 336 3.39 11.81 3.56
C THR A 336 3.21 12.89 2.48
N THR A 337 2.18 12.76 1.65
CA THR A 337 2.02 13.63 0.48
C THR A 337 0.56 13.98 0.30
N GLY A 338 0.32 15.06 -0.44
CA GLY A 338 -0.99 15.32 -1.00
C GLY A 338 -1.23 14.47 -2.25
N SER A 339 -2.41 14.67 -2.83
CA SER A 339 -2.87 13.91 -3.99
C SER A 339 -1.94 14.05 -5.20
N ALA A 340 -1.18 15.14 -5.29
CA ALA A 340 -0.29 15.31 -6.42
C ALA A 340 1.10 14.78 -6.13
N GLY A 341 1.31 14.18 -4.95
CA GLY A 341 2.55 13.50 -4.67
C GLY A 341 3.65 14.35 -4.09
N TYR A 342 3.32 15.53 -3.54
CA TYR A 342 4.30 16.40 -2.94
C TYR A 342 4.12 16.45 -1.42
N THR A 343 5.19 16.85 -0.73
CA THR A 343 5.14 17.11 0.70
C THR A 343 4.90 18.60 0.93
N ASN A 344 4.88 18.99 2.20
CA ASN A 344 4.65 20.38 2.54
C ASN A 344 5.80 21.28 2.08
N SER A 345 6.97 20.71 1.78
CA SER A 345 8.04 21.50 1.17
C SER A 345 7.55 22.23 -0.07
N PHE A 346 6.69 21.58 -0.86
CA PHE A 346 6.17 22.22 -2.08
C PHE A 346 5.32 23.43 -1.72
N ASN A 347 4.45 23.31 -0.71
CA ASN A 347 3.69 24.47 -0.25
C ASN A 347 4.62 25.55 0.27
N HIS A 348 5.70 25.15 0.95
CA HIS A 348 6.65 26.14 1.45
C HIS A 348 7.31 26.88 0.29
N MET A 349 7.55 26.17 -0.81
CA MET A 349 8.20 26.78 -1.96
C MET A 349 7.29 27.82 -2.64
N VAL A 350 6.01 27.51 -2.80
CA VAL A 350 5.10 28.48 -3.40
C VAL A 350 4.92 29.69 -2.49
N LEU A 351 4.82 29.46 -1.17
CA LEU A 351 4.65 30.60 -0.25
C LEU A 351 5.90 31.48 -0.24
N GLU A 352 7.09 30.90 -0.25
CA GLU A 352 8.30 31.71 -0.27
C GLU A 352 8.42 32.49 -1.60
N PHE A 353 8.01 31.87 -2.72
CA PHE A 353 7.91 32.58 -3.99
C PHE A 353 7.03 33.82 -3.87
N THR A 354 5.86 33.65 -3.27
CA THR A 354 4.89 34.73 -3.12
C THR A 354 5.41 35.79 -2.15
N ILE A 355 6.12 35.37 -1.11
CA ILE A 355 6.72 36.32 -0.17
C ILE A 355 7.79 37.15 -0.85
N GLU A 356 8.61 36.52 -1.69
CA GLU A 356 9.62 37.26 -2.43
C GLU A 356 9.00 38.33 -3.31
N VAL A 357 7.87 38.02 -3.97
CA VAL A 357 7.23 39.02 -4.81
C VAL A 357 6.76 40.21 -3.97
N GLU A 358 6.12 39.93 -2.83
CA GLU A 358 5.69 41.01 -1.96
C GLU A 358 6.87 41.89 -1.55
N LYS A 359 7.99 41.27 -1.20
CA LYS A 359 9.22 42.00 -0.89
C LYS A 359 9.63 42.91 -2.04
N GLN A 360 9.65 42.37 -3.26
CA GLN A 360 10.10 43.15 -4.41
C GLN A 360 9.21 44.35 -4.65
N ILE A 361 7.88 44.17 -4.57
CA ILE A 361 6.99 45.28 -4.82
C ILE A 361 7.15 46.36 -3.76
N ARG A 362 7.25 45.95 -2.49
CA ARG A 362 7.48 46.91 -1.42
C ARG A 362 8.75 47.70 -1.65
N ALA A 363 9.79 47.04 -2.15
CA ALA A 363 11.05 47.73 -2.43
C ALA A 363 10.91 48.72 -3.59
N VAL A 364 10.04 48.42 -4.56
CA VAL A 364 9.85 49.35 -5.67
C VAL A 364 9.03 50.56 -5.22
N LEU A 365 8.17 50.38 -4.22
CA LEU A 365 7.31 51.44 -3.70
C LEU A 365 7.94 52.23 -2.56
N ALA A 366 9.17 51.89 -2.14
CA ALA A 366 9.72 52.48 -0.92
C ALA A 366 9.78 54.00 -0.94
N PRO A 367 10.15 54.67 -2.04
CA PRO A 367 9.93 56.12 -2.06
C PRO A 367 8.49 56.47 -2.45
N LEU B 16 6.15 -34.84 24.91
CA LEU B 16 4.95 -34.01 24.78
C LEU B 16 3.68 -34.84 24.97
N TYR B 17 2.58 -34.16 25.32
CA TYR B 17 1.28 -34.84 25.37
C TYR B 17 0.46 -34.68 24.10
N PHE B 18 0.62 -33.57 23.38
CA PHE B 18 0.03 -33.40 22.04
C PHE B 18 0.89 -34.13 21.01
N GLN B 19 0.45 -35.31 20.59
CA GLN B 19 1.22 -36.07 19.61
C GLN B 19 1.07 -35.44 18.21
N GLY B 20 1.80 -35.99 17.23
CA GLY B 20 2.05 -35.26 15.99
C GLY B 20 0.85 -35.14 15.06
N MET B 21 0.91 -34.11 14.20
CA MET B 21 -0.13 -33.80 13.22
C MET B 21 0.27 -34.44 11.90
N ILE B 22 -0.29 -35.61 11.57
CA ILE B 22 0.07 -36.32 10.34
C ILE B 22 -0.44 -35.55 9.12
N SER B 23 0.39 -35.44 8.09
CA SER B 23 0.08 -34.56 6.98
C SER B 23 -0.81 -35.20 5.91
N ASN B 24 -0.66 -36.51 5.69
CA ASN B 24 -1.48 -37.17 4.67
C ASN B 24 -2.95 -37.17 5.05
N GLU B 25 -3.24 -37.22 6.36
CA GLU B 25 -4.62 -37.16 6.83
C GLU B 25 -5.21 -35.76 6.75
N ILE B 26 -4.38 -34.73 6.61
CA ILE B 26 -4.91 -33.37 6.48
C ILE B 26 -5.06 -32.99 5.01
N SER B 27 -4.06 -33.33 4.18
CA SER B 27 -4.07 -32.95 2.78
C SER B 27 -5.26 -33.54 2.03
N LYS B 28 -5.74 -34.72 2.43
CA LYS B 28 -6.83 -35.39 1.72
C LYS B 28 -8.21 -34.80 2.01
N LEU B 29 -8.33 -33.90 2.99
CA LEU B 29 -9.65 -33.43 3.39
C LEU B 29 -10.06 -32.20 2.61
N ASP B 30 -11.37 -32.04 2.43
CA ASP B 30 -12.00 -30.85 1.85
C ASP B 30 -13.17 -30.46 2.74
N PRO B 31 -12.88 -30.04 3.98
CA PRO B 31 -13.97 -29.84 4.96
C PRO B 31 -14.99 -28.77 4.59
N LEU B 32 -14.59 -27.76 3.82
CA LEU B 32 -15.51 -26.72 3.39
C LEU B 32 -16.01 -26.92 1.95
N ASN B 33 -15.82 -28.11 1.37
CA ASN B 33 -16.25 -28.39 0.01
C ASN B 33 -15.76 -27.33 -0.97
N LEU B 34 -14.46 -27.05 -0.90
CA LEU B 34 -13.87 -25.97 -1.67
C LEU B 34 -13.04 -26.48 -2.85
N ASP B 35 -13.05 -27.79 -3.12
CA ASP B 35 -12.19 -28.32 -4.17
C ASP B 35 -12.50 -27.67 -5.53
N ALA B 36 -13.77 -27.52 -5.87
CA ALA B 36 -14.11 -26.91 -7.15
C ALA B 36 -13.73 -25.43 -7.18
N PHE B 37 -13.93 -24.73 -6.07
CA PHE B 37 -13.53 -23.33 -5.96
C PHE B 37 -12.03 -23.19 -6.16
N PHE B 38 -11.24 -24.12 -5.62
CA PHE B 38 -9.80 -23.95 -5.74
C PHE B 38 -9.32 -24.21 -7.17
N ASN B 39 -10.09 -24.94 -7.98
CA ASN B 39 -9.70 -25.04 -9.37
C ASN B 39 -9.91 -23.73 -10.11
N GLN B 40 -10.86 -22.89 -9.66
CA GLN B 40 -11.13 -21.59 -10.28
CA GLN B 40 -11.13 -21.59 -10.28
C GLN B 40 -10.39 -20.44 -9.63
N LEU B 41 -9.84 -20.64 -8.44
CA LEU B 41 -9.15 -19.57 -7.71
C LEU B 41 -8.09 -18.85 -8.54
N PRO B 42 -7.20 -19.52 -9.29
CA PRO B 42 -6.17 -18.77 -10.02
C PRO B 42 -6.75 -17.82 -11.06
N SER B 43 -7.82 -18.21 -11.75
CA SER B 43 -8.47 -17.30 -12.68
C SER B 43 -9.17 -16.17 -11.93
N LEU B 44 -9.84 -16.52 -10.84
CA LEU B 44 -10.42 -15.55 -9.95
C LEU B 44 -9.41 -14.47 -9.57
N ASN B 45 -8.23 -14.89 -9.11
CA ASN B 45 -7.23 -13.92 -8.69
C ASN B 45 -6.70 -13.13 -9.89
N GLN B 46 -6.52 -13.81 -11.02
CA GLN B 46 -6.03 -13.15 -12.23
C GLN B 46 -6.95 -12.01 -12.66
N ASN B 47 -8.26 -12.24 -12.60
CA ASN B 47 -9.27 -11.30 -13.04
C ASN B 47 -9.76 -10.39 -11.93
N LEU B 48 -9.06 -10.36 -10.79
CA LEU B 48 -9.36 -9.43 -9.70
C LEU B 48 -10.82 -9.54 -9.26
N GLU B 49 -11.35 -10.75 -9.25
CA GLU B 49 -12.78 -10.89 -8.97
C GLU B 49 -13.01 -10.98 -7.46
N VAL B 50 -12.89 -9.82 -6.82
CA VAL B 50 -13.03 -9.73 -5.36
C VAL B 50 -14.41 -10.16 -4.91
N SER B 51 -15.46 -9.79 -5.65
CA SER B 51 -16.83 -10.12 -5.24
C SER B 51 -17.01 -11.62 -5.00
N LEU B 52 -16.38 -12.45 -5.84
CA LEU B 52 -16.54 -13.89 -5.68
C LEU B 52 -15.74 -14.40 -4.49
N LEU B 53 -14.61 -13.77 -4.19
CA LEU B 53 -13.89 -14.09 -2.96
C LEU B 53 -14.72 -13.71 -1.74
N ILE B 54 -15.27 -12.50 -1.71
CA ILE B 54 -16.09 -12.08 -0.56
C ILE B 54 -17.29 -13.02 -0.41
N ASP B 55 -17.91 -13.38 -1.53
CA ASP B 55 -19.09 -14.25 -1.48
C ASP B 55 -18.74 -15.56 -0.79
N LYS B 56 -17.62 -16.18 -1.21
CA LYS B 56 -17.21 -17.45 -0.64
C LYS B 56 -16.94 -17.33 0.86
N LEU B 57 -16.36 -16.21 1.31
CA LEU B 57 -16.08 -16.03 2.74
C LEU B 57 -17.37 -15.91 3.55
N ARG B 58 -18.36 -15.22 2.99
CA ARG B 58 -19.66 -15.09 3.64
C ARG B 58 -20.39 -16.43 3.64
N GLU B 59 -20.40 -17.12 2.50
CA GLU B 59 -21.02 -18.44 2.43
C GLU B 59 -20.48 -19.36 3.51
N ILE B 60 -19.15 -19.34 3.71
CA ILE B 60 -18.54 -20.25 4.67
C ILE B 60 -19.00 -19.92 6.09
N THR B 61 -18.98 -18.63 6.45
CA THR B 61 -19.38 -18.22 7.79
C THR B 61 -20.84 -18.54 8.05
N LYS B 62 -21.64 -18.65 7.02
CA LYS B 62 -23.07 -18.91 7.16
C LYS B 62 -23.43 -20.39 7.02
N SER B 63 -22.53 -21.20 6.46
CA SER B 63 -22.82 -22.59 6.12
C SER B 63 -22.27 -23.59 7.13
N TYR B 64 -21.17 -23.26 7.80
CA TYR B 64 -20.46 -24.23 8.62
C TYR B 64 -20.38 -23.72 10.06
N LEU B 65 -20.46 -24.67 10.99
CA LEU B 65 -20.21 -24.39 12.40
C LEU B 65 -18.92 -25.09 12.77
N PRO B 66 -17.80 -24.37 12.85
CA PRO B 66 -16.50 -25.04 13.03
C PRO B 66 -16.47 -25.97 14.23
N THR B 67 -17.38 -25.79 15.18
CA THR B 67 -17.41 -26.62 16.35
C THR B 67 -17.67 -28.08 16.02
N THR B 68 -18.20 -28.37 14.82
CA THR B 68 -18.37 -29.77 14.46
C THR B 68 -17.11 -30.39 13.87
N PHE B 69 -15.99 -29.66 13.81
CA PHE B 69 -14.81 -30.12 13.07
C PHE B 69 -13.89 -30.96 13.97
N SER B 70 -13.45 -32.11 13.47
CA SER B 70 -12.30 -32.77 14.06
C SER B 70 -11.07 -31.86 13.98
N ILE B 71 -10.03 -32.21 14.74
CA ILE B 71 -8.76 -31.49 14.65
C ILE B 71 -8.27 -31.42 13.19
N ASN B 72 -8.18 -32.58 12.53
CA ASN B 72 -7.69 -32.60 11.15
C ASN B 72 -8.55 -31.75 10.23
N ASP B 73 -9.88 -31.80 10.40
CA ASP B 73 -10.78 -30.93 9.64
C ASP B 73 -10.42 -29.46 9.84
N ALA B 74 -10.16 -29.07 11.10
CA ALA B 74 -9.94 -27.66 11.39
C ALA B 74 -8.60 -27.19 10.88
N LEU B 75 -7.59 -28.07 10.87
CA LEU B 75 -6.31 -27.74 10.26
C LEU B 75 -6.49 -27.51 8.76
N ALA B 76 -7.18 -28.45 8.08
CA ALA B 76 -7.41 -28.30 6.66
C ALA B 76 -8.34 -27.12 6.36
N ALA B 77 -9.29 -26.83 7.25
CA ALA B 77 -10.15 -25.68 7.07
C ALA B 77 -9.36 -24.39 7.18
N THR B 78 -8.43 -24.34 8.12
CA THR B 78 -7.55 -23.19 8.22
C THR B 78 -6.76 -22.98 6.92
N ARG B 79 -6.22 -24.05 6.36
CA ARG B 79 -5.48 -23.95 5.10
C ARG B 79 -6.32 -23.32 3.99
N ASP B 80 -7.55 -23.79 3.81
CA ASP B 80 -8.36 -23.35 2.69
C ASP B 80 -8.97 -21.97 2.95
N LEU B 81 -9.62 -21.79 4.11
CA LEU B 81 -10.16 -20.49 4.46
C LEU B 81 -9.04 -19.43 4.48
N GLY B 82 -7.87 -19.80 4.98
CA GLY B 82 -6.76 -18.84 5.03
C GLY B 82 -6.32 -18.38 3.64
N MET B 83 -6.24 -19.32 2.69
CA MET B 83 -5.79 -18.94 1.35
C MET B 83 -6.81 -18.06 0.64
N ILE B 84 -8.11 -18.21 0.95
CA ILE B 84 -9.08 -17.27 0.42
C ILE B 84 -8.88 -15.90 1.06
N MET B 85 -8.68 -15.86 2.37
CA MET B 85 -8.43 -14.61 3.07
C MET B 85 -7.19 -13.91 2.51
N SER B 86 -6.11 -14.65 2.25
CA SER B 86 -4.88 -14.05 1.73
C SER B 86 -5.10 -13.46 0.34
N SER B 87 -5.98 -14.10 -0.43
CA SER B 87 -6.33 -13.62 -1.76
C SER B 87 -7.09 -12.31 -1.69
N VAL B 88 -7.97 -12.16 -0.69
CA VAL B 88 -8.63 -10.87 -0.45
C VAL B 88 -7.61 -9.84 0.01
N ARG B 89 -6.85 -10.16 1.07
CA ARG B 89 -5.79 -9.28 1.52
C ARG B 89 -4.88 -8.86 0.37
N LYS B 90 -4.61 -9.77 -0.58
CA LYS B 90 -3.73 -9.42 -1.69
C LYS B 90 -4.18 -8.14 -2.41
N LEU B 91 -5.49 -7.97 -2.62
CA LEU B 91 -5.98 -6.76 -3.30
C LEU B 91 -5.93 -5.50 -2.45
N GLY B 92 -5.69 -5.60 -1.14
CA GLY B 92 -5.63 -4.45 -0.25
C GLY B 92 -6.70 -4.41 0.82
N ILE B 93 -7.68 -5.32 0.79
CA ILE B 93 -8.78 -5.35 1.74
C ILE B 93 -8.42 -6.25 2.91
N GLN B 94 -8.57 -5.75 4.13
CA GLN B 94 -8.52 -6.67 5.28
C GLN B 94 -9.75 -7.57 5.25
N PRO B 95 -9.60 -8.89 5.04
CA PRO B 95 -10.80 -9.74 4.90
C PRO B 95 -11.65 -9.84 6.16
N VAL B 96 -11.07 -9.77 7.36
CA VAL B 96 -11.93 -9.83 8.53
C VAL B 96 -12.67 -8.50 8.72
N SER B 97 -12.04 -7.38 8.35
CA SER B 97 -12.78 -6.11 8.37
C SER B 97 -13.97 -6.14 7.41
N ALA B 98 -13.83 -6.82 6.26
CA ALA B 98 -14.88 -6.81 5.24
C ALA B 98 -16.00 -7.79 5.52
N VAL B 99 -15.69 -8.96 6.10
CA VAL B 99 -16.68 -9.98 6.45
C VAL B 99 -16.56 -10.24 7.94
N SER B 100 -17.25 -9.42 8.76
CA SER B 100 -16.98 -9.41 10.19
C SER B 100 -17.38 -10.71 10.89
N ASP B 101 -18.25 -11.52 10.28
CA ASP B 101 -18.58 -12.82 10.86
C ASP B 101 -17.36 -13.75 10.90
N LEU B 102 -16.33 -13.51 10.07
CA LEU B 102 -15.14 -14.35 10.09
C LEU B 102 -14.48 -14.37 11.46
N GLU B 103 -14.65 -13.31 12.25
CA GLU B 103 -13.87 -13.22 13.47
C GLU B 103 -14.21 -14.35 14.43
N VAL B 104 -15.51 -14.65 14.61
CA VAL B 104 -15.93 -15.71 15.52
C VAL B 104 -15.63 -17.08 14.93
N PHE B 105 -15.74 -17.20 13.62
CA PHE B 105 -15.40 -18.44 12.93
C PHE B 105 -13.93 -18.78 13.13
N LEU B 106 -13.04 -17.81 12.92
CA LEU B 106 -11.61 -18.06 13.06
C LEU B 106 -11.23 -18.25 14.52
N GLU B 107 -11.92 -17.57 15.43
CA GLU B 107 -11.75 -17.79 16.85
C GLU B 107 -12.07 -19.24 17.23
N THR B 108 -13.24 -19.72 16.81
CA THR B 108 -13.62 -21.12 17.05
C THR B 108 -12.63 -22.09 16.41
N LEU B 109 -12.22 -21.80 15.18
CA LEU B 109 -11.28 -22.67 14.47
C LEU B 109 -9.92 -22.76 15.17
N SER B 110 -9.43 -21.64 15.68
CA SER B 110 -8.12 -21.68 16.32
C SER B 110 -8.21 -22.30 17.72
N GLU B 111 -9.38 -22.23 18.36
CA GLU B 111 -9.59 -22.97 19.61
C GLU B 111 -9.42 -24.47 19.39
N ILE B 112 -9.76 -24.97 18.20
CA ILE B 112 -9.65 -26.39 17.93
C ILE B 112 -8.23 -26.77 17.52
N THR B 113 -7.65 -26.00 16.60
CA THR B 113 -6.29 -26.30 16.10
C THR B 113 -5.22 -25.99 17.14
N ASN B 114 -5.55 -25.13 18.11
CA ASN B 114 -4.56 -24.56 19.01
C ASN B 114 -3.42 -23.91 18.22
N MET B 115 -3.77 -23.28 17.09
CA MET B 115 -2.85 -22.64 16.14
C MET B 115 -3.40 -21.27 15.73
N VAL B 116 -2.56 -20.46 15.07
CA VAL B 116 -2.97 -19.14 14.64
C VAL B 116 -4.15 -19.29 13.69
N PRO B 117 -5.05 -18.27 13.58
CA PRO B 117 -6.15 -18.31 12.61
C PRO B 117 -5.74 -17.90 11.19
N ARG B 118 -4.68 -18.54 10.68
CA ARG B 118 -4.12 -18.17 9.39
C ARG B 118 -3.34 -19.36 8.86
N GLU B 119 -3.21 -19.45 7.55
CA GLU B 119 -2.40 -20.52 6.99
C GLU B 119 -0.93 -20.19 7.18
N THR B 120 -0.15 -21.22 7.46
CA THR B 120 1.31 -21.11 7.49
C THR B 120 1.85 -21.98 6.37
N SER B 121 3.18 -22.05 6.29
CA SER B 121 3.77 -22.89 5.25
C SER B 121 3.58 -24.38 5.53
N TYR B 122 3.14 -24.79 6.74
CA TYR B 122 2.68 -26.17 6.89
C TYR B 122 1.43 -26.44 6.07
N HIS B 123 0.48 -25.51 6.08
CA HIS B 123 -0.75 -25.70 5.33
C HIS B 123 -0.50 -25.63 3.82
N TYR B 124 0.48 -24.82 3.42
CA TYR B 124 0.81 -24.54 2.02
C TYR B 124 1.64 -25.65 1.39
N GLY B 125 2.34 -26.43 2.22
CA GLY B 125 3.28 -27.43 1.78
C GLY B 125 2.84 -28.83 2.16
N PRO B 126 3.32 -29.33 3.30
CA PRO B 126 3.01 -30.74 3.63
C PRO B 126 1.53 -31.04 3.74
N TRP B 127 0.71 -30.11 4.23
CA TRP B 127 -0.73 -30.30 4.37
C TRP B 127 -1.52 -29.94 3.10
N ASN B 128 -0.83 -29.56 2.03
CA ASN B 128 -1.45 -29.18 0.76
C ASN B 128 -1.37 -30.37 -0.18
N PRO B 129 -2.49 -30.94 -0.63
CA PRO B 129 -2.41 -32.19 -1.40
C PRO B 129 -1.63 -32.04 -2.69
N ILE B 130 -0.97 -33.13 -3.08
CA ILE B 130 -0.33 -33.23 -4.39
C ILE B 130 -1.40 -33.44 -5.45
N GLY B 131 -1.18 -32.91 -6.65
CA GLY B 131 -2.00 -33.26 -7.80
C GLY B 131 -3.08 -32.27 -8.17
N GLU B 132 -4.20 -32.79 -8.69
CA GLU B 132 -5.28 -31.94 -9.18
C GLU B 132 -5.87 -31.06 -8.09
N ARG B 133 -5.85 -31.55 -6.84
CA ARG B 133 -6.45 -30.86 -5.70
C ARG B 133 -5.55 -29.78 -5.10
N GLU B 134 -4.30 -29.67 -5.56
CA GLU B 134 -3.33 -28.80 -4.91
C GLU B 134 -3.83 -27.36 -4.91
N ARG B 135 -3.73 -26.70 -3.74
CA ARG B 135 -4.17 -25.31 -3.59
C ARG B 135 -3.07 -24.36 -4.02
N ARG B 136 -3.38 -23.45 -4.95
CA ARG B 136 -2.42 -22.44 -5.39
C ARG B 136 -3.13 -21.12 -5.58
N PHE B 137 -2.39 -20.03 -5.34
CA PHE B 137 -2.93 -18.69 -5.52
C PHE B 137 -3.07 -18.35 -7.01
N THR B 138 -2.14 -18.82 -7.85
CA THR B 138 -2.01 -18.29 -9.20
C THR B 138 -1.89 -19.41 -10.22
N HIS B 139 -1.79 -19.02 -11.50
CA HIS B 139 -1.51 -19.97 -12.56
C HIS B 139 -0.03 -20.05 -12.90
N PHE B 140 0.82 -19.29 -12.20
CA PHE B 140 2.23 -19.25 -12.56
C PHE B 140 2.96 -20.53 -12.13
N PRO B 141 3.68 -21.20 -13.03
CA PRO B 141 4.52 -22.34 -12.63
C PRO B 141 5.50 -22.00 -11.52
N ASP B 142 6.00 -20.76 -11.47
CA ASP B 142 6.93 -20.38 -10.41
C ASP B 142 6.36 -20.61 -9.01
N GLU B 143 5.03 -20.61 -8.87
CA GLU B 143 4.45 -20.86 -7.55
C GLU B 143 4.75 -22.27 -7.07
N ARG B 144 4.82 -23.23 -7.98
CA ARG B 144 5.15 -24.61 -7.59
C ARG B 144 6.52 -24.69 -6.92
N GLY B 145 7.41 -23.75 -7.22
CA GLY B 145 8.73 -23.77 -6.57
C GLY B 145 8.63 -23.48 -5.08
N LEU B 146 7.71 -22.60 -4.70
CA LEU B 146 7.52 -22.32 -3.27
C LEU B 146 6.89 -23.51 -2.58
N ILE B 147 5.78 -24.00 -3.13
CA ILE B 147 5.02 -25.09 -2.53
C ILE B 147 5.89 -26.33 -2.38
N GLU B 148 6.59 -26.72 -3.45
CA GLU B 148 7.47 -27.89 -3.37
C GLU B 148 8.58 -27.66 -2.37
N GLY B 149 9.14 -26.46 -2.36
CA GLY B 149 10.19 -26.10 -1.43
C GLY B 149 9.84 -26.50 0.00
N VAL B 150 8.72 -25.97 0.50
CA VAL B 150 8.33 -26.21 1.87
C VAL B 150 7.77 -27.61 2.06
N ARG B 151 7.08 -28.17 1.06
CA ARG B 151 6.55 -29.52 1.23
C ARG B 151 7.67 -30.54 1.38
N ILE B 152 8.79 -30.30 0.73
CA ILE B 152 9.94 -31.19 0.84
C ILE B 152 10.72 -30.90 2.12
N ALA B 153 10.97 -29.63 2.42
CA ALA B 153 11.85 -29.30 3.54
C ALA B 153 11.26 -29.76 4.89
N ILE B 154 9.96 -29.56 5.09
CA ILE B 154 9.40 -29.58 6.44
C ILE B 154 9.49 -30.99 7.06
N PRO B 155 9.03 -32.06 6.39
CA PRO B 155 9.14 -33.41 7.03
C PRO B 155 10.56 -33.80 7.42
N GLY B 156 11.55 -33.50 6.58
CA GLY B 156 12.92 -33.83 6.92
C GLY B 156 13.46 -33.05 8.11
N ILE B 157 13.16 -31.75 8.17
CA ILE B 157 13.60 -30.93 9.30
C ILE B 157 12.99 -31.46 10.60
N GLU B 158 11.73 -31.91 10.54
CA GLU B 158 11.08 -32.42 11.74
C GLU B 158 11.76 -33.71 12.22
N LEU B 159 12.07 -34.62 11.31
CA LEU B 159 12.81 -35.82 11.70
C LEU B 159 14.19 -35.43 12.25
N ALA B 160 14.79 -34.38 11.68
CA ALA B 160 16.09 -33.93 12.16
C ALA B 160 15.99 -33.42 13.60
N ILE B 161 14.92 -32.71 13.91
CA ILE B 161 14.74 -32.14 15.24
C ILE B 161 14.72 -33.25 16.29
N ARG B 162 13.94 -34.30 16.04
CA ARG B 162 13.77 -35.39 16.99
C ARG B 162 15.03 -36.23 17.13
N GLU B 163 15.90 -36.24 16.11
CA GLU B 163 17.19 -36.90 16.21
C GLU B 163 18.20 -36.03 16.96
N ILE B 164 18.24 -34.73 16.66
CA ILE B 164 19.17 -33.84 17.34
C ILE B 164 18.82 -33.74 18.82
N ASN B 165 17.53 -33.82 19.14
CA ASN B 165 17.10 -33.73 20.54
C ASN B 165 17.76 -34.82 21.39
N GLN B 166 17.89 -36.02 20.83
CA GLN B 166 18.47 -37.16 21.55
C GLN B 166 19.96 -37.01 21.77
N LEU B 167 20.62 -36.07 21.09
CA LEU B 167 22.08 -35.99 21.18
C LEU B 167 22.52 -35.52 22.55
N SER B 168 21.66 -34.80 23.26
CA SER B 168 22.04 -34.24 24.55
C SER B 168 22.40 -35.31 25.56
N ASN B 169 21.80 -36.51 25.44
CA ASN B 169 21.97 -37.56 26.43
C ASN B 169 22.86 -38.71 25.96
N LEU B 170 23.57 -38.54 24.84
CA LEU B 170 24.57 -39.49 24.38
C LEU B 170 25.94 -38.85 24.47
N SER B 171 26.95 -39.66 24.82
CA SER B 171 28.30 -39.15 24.88
C SER B 171 28.94 -39.15 23.51
N LEU B 172 29.97 -38.33 23.35
CA LEU B 172 30.69 -38.29 22.10
C LEU B 172 31.37 -39.61 21.78
N ASN B 173 31.64 -40.44 22.80
CA ASN B 173 32.28 -41.74 22.59
C ASN B 173 31.29 -42.81 22.13
N ASP B 174 30.01 -42.61 22.37
CA ASP B 174 29.01 -43.58 21.97
C ASP B 174 28.82 -43.53 20.45
N PRO B 175 28.95 -44.66 19.75
CA PRO B 175 28.73 -44.63 18.29
C PRO B 175 27.34 -44.17 17.90
N ALA B 176 26.35 -44.33 18.79
CA ALA B 176 24.99 -43.91 18.46
C ALA B 176 24.88 -42.39 18.32
N PHE B 177 25.78 -41.63 18.97
CA PHE B 177 25.84 -40.20 18.73
C PHE B 177 26.12 -39.91 17.26
N GLU B 178 27.27 -40.38 16.77
CA GLU B 178 27.64 -40.18 15.37
C GLU B 178 26.53 -40.62 14.43
N SER B 179 25.98 -41.82 14.67
CA SER B 179 24.96 -42.35 13.77
C SER B 179 23.73 -41.46 13.76
N LEU B 180 23.28 -41.02 14.94
CA LEU B 180 22.12 -40.14 15.01
C LEU B 180 22.40 -38.80 14.32
N ALA B 181 23.59 -38.22 14.52
CA ALA B 181 23.89 -36.92 13.92
C ALA B 181 24.00 -37.01 12.40
N LYS B 182 24.51 -38.14 11.90
CA LYS B 182 24.51 -38.38 10.46
C LYS B 182 23.10 -38.55 9.93
N SER B 183 22.18 -39.13 10.73
CA SER B 183 20.79 -39.24 10.28
C SER B 183 20.12 -37.87 10.19
N ALA B 184 20.38 -37.01 11.18
CA ALA B 184 19.84 -35.65 11.14
C ALA B 184 20.41 -34.87 9.96
N ALA B 185 21.72 -35.00 9.72
CA ALA B 185 22.33 -34.30 8.60
C ALA B 185 21.70 -34.75 7.29
N LEU B 186 21.50 -36.06 7.15
CA LEU B 186 20.79 -36.59 5.99
C LEU B 186 19.39 -36.01 5.89
N HIS B 187 18.70 -35.83 7.03
CA HIS B 187 17.32 -35.36 6.99
C HIS B 187 17.23 -33.86 6.68
N VAL B 188 18.18 -33.08 7.20
CA VAL B 188 18.24 -31.65 6.88
C VAL B 188 18.50 -31.45 5.39
N TYR B 189 19.12 -32.44 4.73
CA TYR B 189 19.37 -32.33 3.29
C TYR B 189 18.07 -32.21 2.50
N GLN B 190 16.94 -32.61 3.09
CA GLN B 190 15.65 -32.38 2.43
C GLN B 190 15.41 -30.89 2.24
N ALA B 191 15.81 -30.07 3.22
CA ALA B 191 15.72 -28.63 3.05
C ALA B 191 16.61 -28.16 1.92
N VAL B 192 17.78 -28.79 1.76
CA VAL B 192 18.64 -28.43 0.64
C VAL B 192 17.96 -28.79 -0.67
N ASP B 193 17.46 -30.02 -0.75
CA ASP B 193 16.68 -30.44 -1.90
C ASP B 193 15.55 -29.46 -2.19
N GLY B 194 14.76 -29.12 -1.16
CA GLY B 194 13.60 -28.26 -1.36
C GLY B 194 13.95 -26.90 -1.92
N ILE B 195 15.02 -26.26 -1.43
CA ILE B 195 15.35 -24.94 -1.94
C ILE B 195 15.91 -25.05 -3.36
N GLY B 196 16.56 -26.17 -3.69
CA GLY B 196 17.00 -26.39 -5.06
C GLY B 196 15.83 -26.42 -6.02
N GLU B 197 14.73 -27.04 -5.62
CA GLU B 197 13.53 -27.03 -6.45
C GLU B 197 13.04 -25.60 -6.68
N THR B 198 13.05 -24.77 -5.63
CA THR B 198 12.64 -23.38 -5.79
C THR B 198 13.57 -22.64 -6.76
N ILE B 199 14.88 -22.76 -6.53
CA ILE B 199 15.86 -22.14 -7.42
C ILE B 199 15.64 -22.59 -8.87
N LYS B 200 15.25 -23.85 -9.05
CA LYS B 200 14.98 -24.38 -10.38
C LYS B 200 13.71 -23.78 -10.99
N LYS B 201 12.70 -23.51 -10.16
CA LYS B 201 11.37 -23.31 -10.71
C LYS B 201 10.81 -21.90 -10.55
N THR B 202 11.36 -21.06 -9.67
CA THR B 202 10.74 -19.78 -9.31
C THR B 202 11.62 -18.62 -9.75
N ASP B 203 11.14 -17.88 -10.74
CA ASP B 203 11.85 -16.70 -11.20
C ASP B 203 11.78 -15.60 -10.16
N PRO B 204 12.91 -14.98 -9.79
CA PRO B 204 12.85 -13.92 -8.77
C PRO B 204 11.88 -12.81 -9.12
N TYR B 205 11.86 -12.38 -10.38
CA TYR B 205 10.97 -11.30 -10.78
C TYR B 205 9.51 -11.71 -10.68
N VAL B 206 9.18 -12.91 -11.18
CA VAL B 206 7.80 -13.40 -11.05
C VAL B 206 7.40 -13.49 -9.58
N PHE B 207 8.31 -13.98 -8.73
CA PHE B 207 8.02 -14.04 -7.30
C PHE B 207 7.54 -12.68 -6.80
N SER B 208 8.40 -11.66 -6.91
CA SER B 208 8.11 -10.35 -6.33
C SER B 208 6.81 -9.78 -6.88
N HIS B 209 6.53 -10.04 -8.14
CA HIS B 209 5.44 -9.30 -8.79
C HIS B 209 4.12 -10.05 -8.73
N GLU B 210 4.16 -11.39 -8.74
CA GLU B 210 2.95 -12.20 -8.79
C GLU B 210 2.69 -13.01 -7.53
N LEU B 211 3.71 -13.36 -6.74
CA LEU B 211 3.54 -14.31 -5.63
C LEU B 211 3.62 -13.65 -4.26
N ARG B 212 4.65 -12.84 -4.02
CA ARG B 212 4.85 -12.18 -2.73
C ARG B 212 3.62 -11.43 -2.20
N PRO B 213 2.79 -10.75 -3.01
CA PRO B 213 1.63 -10.04 -2.42
C PRO B 213 0.60 -10.96 -1.78
N PHE B 214 0.66 -12.27 -2.02
CA PHE B 214 -0.27 -13.20 -1.38
C PHE B 214 0.20 -13.60 0.02
N PHE B 215 1.23 -12.98 0.55
CA PHE B 215 1.72 -13.35 1.87
C PHE B 215 1.80 -12.13 2.81
N ASP B 216 0.77 -11.26 2.77
CA ASP B 216 0.78 -10.05 3.59
C ASP B 216 0.02 -10.26 4.89
N PRO B 217 0.30 -9.44 5.90
CA PRO B 217 -0.32 -9.65 7.21
C PRO B 217 -1.82 -9.39 7.16
N ILE B 218 -2.55 -10.06 8.04
CA ILE B 218 -3.99 -9.95 8.14
C ILE B 218 -4.39 -9.73 9.59
N ARG B 219 -5.27 -8.75 9.81
CA ARG B 219 -5.68 -8.37 11.16
C ARG B 219 -6.89 -9.19 11.57
N ILE B 220 -6.77 -9.86 12.71
CA ILE B 220 -7.77 -10.82 13.20
C ILE B 220 -7.84 -10.63 14.71
N GLY B 221 -9.03 -10.36 15.25
CA GLY B 221 -9.20 -10.08 16.65
C GLY B 221 -8.14 -9.20 17.28
N GLY B 222 -7.90 -8.02 16.71
CA GLY B 222 -6.98 -7.06 17.29
C GLY B 222 -5.51 -7.25 16.98
N LYS B 223 -5.11 -8.45 16.55
CA LYS B 223 -3.71 -8.76 16.25
C LYS B 223 -3.48 -8.90 14.75
N SER B 224 -2.27 -8.57 14.30
CA SER B 224 -1.86 -8.83 12.94
C SER B 224 -1.10 -10.15 12.90
N TYR B 225 -1.41 -10.98 11.91
CA TYR B 225 -0.75 -12.27 11.70
C TYR B 225 -0.09 -12.24 10.33
N ILE B 226 1.22 -12.49 10.30
CA ILE B 226 1.95 -12.49 9.03
C ILE B 226 1.48 -13.65 8.14
N GLY B 227 1.75 -13.52 6.85
CA GLY B 227 1.40 -14.55 5.89
C GLY B 227 2.30 -15.79 6.02
N ALA B 228 1.95 -16.82 5.24
CA ALA B 228 2.75 -18.02 5.19
C ALA B 228 4.11 -17.69 4.60
N GLY B 229 5.15 -18.31 5.14
CA GLY B 229 6.50 -17.97 4.74
C GLY B 229 7.43 -19.16 4.88
N GLY B 230 8.47 -19.19 4.02
CA GLY B 230 9.48 -20.23 4.14
C GLY B 230 10.18 -20.23 5.49
N GLY B 231 10.24 -19.06 6.14
CA GLY B 231 10.83 -18.93 7.47
C GLY B 231 10.09 -19.68 8.55
N GLN B 232 8.88 -20.17 8.26
CA GLN B 232 8.09 -20.93 9.23
C GLN B 232 8.36 -22.42 9.17
N ILE B 233 9.09 -22.92 8.17
CA ILE B 233 9.62 -24.28 8.32
C ILE B 233 10.45 -24.32 9.60
N PRO B 234 10.40 -25.38 10.38
CA PRO B 234 10.99 -25.32 11.72
C PRO B 234 12.49 -25.47 11.75
N LEU B 235 13.16 -24.92 10.74
CA LEU B 235 14.61 -24.95 10.70
C LEU B 235 15.22 -24.18 11.86
N PHE B 236 14.57 -23.08 12.30
CA PHE B 236 15.07 -22.38 13.48
C PHE B 236 14.96 -23.23 14.75
N VAL B 237 14.07 -24.23 14.76
CA VAL B 237 14.07 -25.17 15.88
C VAL B 237 15.33 -26.02 15.87
N VAL B 238 15.83 -26.41 14.69
CA VAL B 238 17.15 -27.06 14.63
C VAL B 238 18.22 -26.13 15.17
N ASP B 239 18.14 -24.85 14.81
CA ASP B 239 19.16 -23.88 15.21
C ASP B 239 19.25 -23.76 16.73
N VAL B 240 18.10 -23.61 17.40
CA VAL B 240 18.14 -23.32 18.83
C VAL B 240 18.67 -24.51 19.62
N LYS B 241 18.20 -25.71 19.29
CA LYS B 241 18.69 -26.91 19.95
C LYS B 241 20.17 -27.16 19.64
N LEU B 242 20.57 -26.97 18.38
CA LEU B 242 21.90 -27.42 17.98
C LEU B 242 23.00 -26.44 18.37
N TRP B 243 22.78 -25.15 18.20
CA TRP B 243 23.89 -24.21 18.40
C TRP B 243 23.50 -22.90 19.06
N LEU B 244 22.27 -22.41 18.93
CA LEU B 244 21.94 -21.09 19.46
C LEU B 244 21.65 -21.13 20.96
N GLY B 245 20.78 -22.03 21.40
CA GLY B 245 20.47 -22.20 22.82
C GLY B 245 20.08 -20.90 23.51
N ASN B 246 20.64 -20.68 24.69
CA ASN B 246 20.39 -19.47 25.47
C ASN B 246 21.59 -18.52 25.49
N HIS B 247 22.44 -18.58 24.46
CA HIS B 247 23.73 -17.91 24.51
C HIS B 247 23.72 -16.48 23.96
N SER B 248 22.68 -16.06 23.23
CA SER B 248 22.63 -14.71 22.65
C SER B 248 21.29 -14.04 22.96
N PRO B 249 21.10 -13.61 24.21
CA PRO B 249 19.73 -13.31 24.67
C PRO B 249 19.03 -12.16 23.95
N ASN B 250 19.75 -11.10 23.58
CA ASN B 250 19.09 -9.96 22.96
C ASN B 250 19.33 -9.88 21.46
N SER B 251 19.88 -10.93 20.86
CA SER B 251 20.09 -10.93 19.41
C SER B 251 18.75 -10.86 18.66
N GLU B 252 18.82 -10.35 17.43
CA GLU B 252 17.62 -10.22 16.61
C GLU B 252 17.07 -11.57 16.17
N TYR B 253 17.93 -12.57 16.02
CA TYR B 253 17.43 -13.90 15.68
C TYR B 253 16.58 -14.46 16.79
N VAL B 254 16.95 -14.21 18.05
CA VAL B 254 16.14 -14.69 19.16
C VAL B 254 14.79 -13.97 19.18
N SER B 255 14.74 -12.72 18.74
CA SER B 255 13.47 -12.01 18.66
C SER B 255 12.55 -12.60 17.59
N PHE B 256 13.12 -12.94 16.43
CA PHE B 256 12.35 -13.63 15.39
C PHE B 256 11.80 -14.95 15.89
N ILE B 257 12.65 -15.74 16.54
CA ILE B 257 12.23 -17.03 17.05
C ILE B 257 11.10 -16.87 18.07
N LYS B 258 11.29 -15.97 19.02
CA LYS B 258 10.24 -15.63 19.98
C LYS B 258 8.91 -15.35 19.27
N ASP B 259 8.94 -14.61 18.16
CA ASP B 259 7.72 -14.29 17.45
C ASP B 259 7.15 -15.50 16.71
N SER B 260 7.96 -16.53 16.47
CA SER B 260 7.56 -17.70 15.70
C SER B 260 6.97 -18.82 16.54
N VAL B 261 7.30 -18.86 17.84
CA VAL B 261 7.00 -20.03 18.68
C VAL B 261 5.55 -20.49 18.50
N PHE B 262 4.61 -19.57 18.66
CA PHE B 262 3.22 -20.00 18.67
C PHE B 262 2.60 -20.01 17.29
N TYR B 263 3.38 -19.69 16.25
CA TYR B 263 3.04 -20.10 14.90
C TYR B 263 3.30 -21.60 14.65
N LEU B 264 4.34 -22.17 15.25
CA LEU B 264 4.65 -23.59 15.13
C LEU B 264 3.45 -24.48 15.47
N PRO B 265 3.31 -25.62 14.81
CA PRO B 265 2.39 -26.65 15.32
C PRO B 265 2.63 -26.90 16.81
N PRO B 266 1.57 -27.11 17.58
CA PRO B 266 1.74 -27.22 19.06
C PRO B 266 2.85 -28.20 19.47
N GLU B 267 2.98 -29.32 18.76
CA GLU B 267 3.94 -30.37 19.13
C GLU B 267 5.38 -29.84 19.25
N LEU B 268 5.78 -28.88 18.41
CA LEU B 268 7.15 -28.39 18.41
C LEU B 268 7.43 -27.33 19.46
N ARG B 269 6.39 -26.71 20.02
CA ARG B 269 6.59 -25.57 20.91
C ARG B 269 7.43 -25.90 22.15
N PRO B 270 7.12 -26.94 22.94
CA PRO B 270 7.95 -27.19 24.14
C PRO B 270 9.41 -27.43 23.81
N ILE B 271 9.70 -28.10 22.70
CA ILE B 271 11.08 -28.35 22.32
C ILE B 271 11.78 -27.04 22.01
N CYS B 272 11.09 -26.15 21.28
CA CYS B 272 11.67 -24.86 20.99
C CYS B 272 11.87 -24.04 22.26
N VAL B 273 10.90 -24.06 23.17
CA VAL B 273 11.00 -23.29 24.41
C VAL B 273 12.12 -23.85 25.27
N ASP B 274 12.09 -25.16 25.55
CA ASP B 274 13.16 -25.79 26.32
C ASP B 274 14.54 -25.39 25.79
N SER B 275 14.70 -25.39 24.46
CA SER B 275 16.01 -25.15 23.85
C SER B 275 16.46 -23.71 24.03
N LEU B 276 15.51 -22.77 23.98
CA LEU B 276 15.82 -21.36 24.21
C LEU B 276 16.29 -21.08 25.64
N LEU B 277 16.03 -21.99 26.56
CA LEU B 277 16.28 -21.78 27.98
C LEU B 277 17.42 -22.66 28.51
N GLU B 278 18.20 -23.26 27.62
CA GLU B 278 19.19 -24.27 27.95
C GLU B 278 20.41 -24.04 27.07
N PRO B 279 21.58 -24.53 27.49
CA PRO B 279 22.74 -24.49 26.58
C PRO B 279 22.51 -25.40 25.39
N SER B 280 23.04 -24.99 24.24
CA SER B 280 22.90 -25.78 23.02
C SER B 280 23.70 -27.09 23.11
N VAL B 281 23.33 -28.02 22.23
CA VAL B 281 24.05 -29.28 22.10
C VAL B 281 25.54 -29.04 21.84
N ILE B 282 25.86 -28.15 20.90
CA ILE B 282 27.26 -27.99 20.54
C ILE B 282 28.04 -27.31 21.67
N ASN B 283 27.41 -26.33 22.33
CA ASN B 283 28.00 -25.78 23.56
C ASN B 283 28.25 -26.88 24.59
N GLN B 284 27.30 -27.80 24.76
CA GLN B 284 27.46 -28.89 25.72
C GLN B 284 28.57 -29.85 25.30
N LYS B 285 28.65 -30.14 24.01
CA LYS B 285 29.63 -31.11 23.51
C LYS B 285 31.03 -30.51 23.37
N PHE B 286 31.13 -29.18 23.20
CA PHE B 286 32.44 -28.54 23.30
C PHE B 286 33.03 -28.71 24.69
N ALA B 287 32.19 -28.53 25.72
CA ALA B 287 32.67 -28.70 27.09
C ALA B 287 33.09 -30.15 27.34
N GLU B 288 32.26 -31.10 26.92
CA GLU B 288 32.58 -32.51 27.10
C GLU B 288 33.83 -32.90 26.32
N PHE B 289 34.00 -32.35 25.11
CA PHE B 289 35.20 -32.63 24.32
C PHE B 289 36.46 -32.29 25.09
N GLY B 290 36.52 -31.07 25.66
CA GLY B 290 37.68 -30.57 26.35
C GLY B 290 37.99 -31.19 27.70
N SER B 291 37.21 -32.19 28.15
CA SER B 291 37.47 -32.79 29.46
C SER B 291 37.42 -34.31 29.49
N VAL B 292 37.26 -34.98 28.35
CA VAL B 292 37.25 -36.43 28.35
C VAL B 292 38.44 -36.93 27.52
N GLU B 293 38.63 -38.25 27.49
CA GLU B 293 39.71 -38.82 26.69
C GLU B 293 39.26 -38.86 25.24
N ILE B 294 40.02 -38.18 24.39
CA ILE B 294 39.62 -37.96 22.99
C ILE B 294 39.99 -39.20 22.19
N THR B 295 39.01 -40.07 21.95
CA THR B 295 39.18 -41.30 21.21
C THR B 295 38.79 -41.10 19.74
N ASP B 296 38.98 -42.15 18.94
CA ASP B 296 38.62 -42.08 17.54
C ASP B 296 37.13 -41.79 17.37
N GLN B 297 36.29 -42.48 18.12
CA GLN B 297 34.84 -42.28 18.03
C GLN B 297 34.47 -40.87 18.47
N VAL B 298 35.16 -40.34 19.49
CA VAL B 298 34.86 -38.99 19.97
C VAL B 298 35.09 -37.97 18.87
N ILE B 299 36.20 -38.11 18.13
CA ILE B 299 36.44 -37.24 16.99
C ILE B 299 35.35 -37.42 15.94
N LYS B 300 34.91 -38.66 15.72
CA LYS B 300 33.85 -38.91 14.75
C LYS B 300 32.55 -38.24 15.19
N GLY B 301 32.26 -38.27 16.49
CA GLY B 301 31.12 -37.54 17.04
C GLY B 301 31.18 -36.06 16.74
N MET B 302 32.28 -35.42 17.13
CA MET B 302 32.47 -33.99 16.87
C MET B 302 32.44 -33.67 15.39
N GLU B 303 32.92 -34.58 14.55
CA GLU B 303 32.83 -34.34 13.11
C GLU B 303 31.39 -34.45 12.62
N SER B 304 30.60 -35.34 13.22
CA SER B 304 29.20 -35.46 12.82
C SER B 304 28.40 -34.21 13.15
N LEU B 305 28.76 -33.49 14.22
CA LEU B 305 28.12 -32.20 14.48
C LEU B 305 28.45 -31.23 13.37
N LEU B 306 29.74 -31.10 13.04
CA LEU B 306 30.16 -30.31 11.89
C LEU B 306 29.39 -30.71 10.63
N SER B 307 29.17 -32.02 10.41
CA SER B 307 28.41 -32.47 9.26
C SER B 307 27.02 -31.81 9.21
N VAL B 308 26.34 -31.70 10.35
CA VAL B 308 25.01 -31.09 10.35
C VAL B 308 25.11 -29.60 10.06
N ILE B 309 26.05 -28.92 10.70
CA ILE B 309 26.22 -27.50 10.47
C ILE B 309 26.50 -27.23 8.99
N GLN B 310 27.28 -28.11 8.36
CA GLN B 310 27.63 -27.88 6.96
C GLN B 310 26.45 -28.15 6.04
N VAL B 311 25.50 -28.97 6.46
CA VAL B 311 24.26 -29.12 5.69
C VAL B 311 23.40 -27.88 5.80
N LEU B 312 23.33 -27.29 7.00
CA LEU B 312 22.59 -26.03 7.13
C LEU B 312 23.13 -24.97 6.16
N LEU B 313 24.46 -24.91 6.02
CA LEU B 313 25.07 -23.92 5.11
C LEU B 313 24.70 -24.20 3.66
N LYS B 314 24.63 -25.48 3.27
CA LYS B 314 24.23 -25.81 1.90
C LYS B 314 22.78 -25.40 1.63
N PHE B 315 22.01 -25.14 2.68
CA PHE B 315 20.71 -24.48 2.48
C PHE B 315 20.88 -22.96 2.41
N ARG B 316 21.60 -22.37 3.38
CA ARG B 316 21.52 -20.93 3.59
C ARG B 316 22.27 -20.12 2.53
N LYS B 317 23.35 -20.67 1.95
CA LYS B 317 24.06 -19.92 0.92
C LYS B 317 23.23 -19.79 -0.36
N PRO B 318 22.73 -20.88 -0.97
CA PRO B 318 21.83 -20.67 -2.11
C PRO B 318 20.58 -19.87 -1.78
N HIS B 319 19.97 -20.10 -0.60
CA HIS B 319 18.82 -19.28 -0.19
C HIS B 319 19.17 -17.81 -0.17
N PHE B 320 20.32 -17.47 0.43
CA PHE B 320 20.74 -16.07 0.50
C PHE B 320 20.94 -15.48 -0.89
N GLN B 321 21.48 -16.27 -1.83
CA GLN B 321 21.68 -15.75 -3.19
C GLN B 321 20.35 -15.49 -3.88
N LEU B 322 19.38 -16.38 -3.68
CA LEU B 322 18.07 -16.23 -4.31
C LEU B 322 17.34 -15.00 -3.78
N ALA B 323 17.41 -14.76 -2.47
CA ALA B 323 16.75 -13.58 -1.91
C ALA B 323 17.43 -12.32 -2.38
N GLN B 324 18.76 -12.34 -2.52
CA GLN B 324 19.46 -11.17 -3.02
C GLN B 324 19.02 -10.81 -4.43
N ARG B 325 18.89 -11.82 -5.31
CA ARG B 325 18.46 -11.57 -6.68
C ARG B 325 17.00 -11.11 -6.76
N THR B 326 16.19 -11.48 -5.78
CA THR B 326 14.75 -11.15 -5.81
C THR B 326 14.48 -9.76 -5.26
N LEU B 327 15.31 -9.30 -4.33
CA LEU B 327 15.18 -8.02 -3.67
C LEU B 327 16.06 -6.93 -4.29
N SER B 328 16.75 -7.24 -5.38
CA SER B 328 17.49 -6.22 -6.10
C SER B 328 16.52 -5.19 -6.66
N LYS B 329 17.01 -3.97 -6.86
CA LYS B 329 16.12 -2.92 -7.33
C LYS B 329 15.46 -3.30 -8.65
N GLU B 330 16.15 -4.09 -9.48
CA GLU B 330 15.56 -4.60 -10.71
C GLU B 330 14.36 -5.51 -10.44
N ASN B 331 14.50 -6.42 -9.47
CA ASN B 331 13.54 -7.53 -9.36
C ASN B 331 12.52 -7.38 -8.24
N ARG B 332 12.69 -6.41 -7.33
CA ARG B 332 12.00 -6.44 -6.04
C ARG B 332 10.54 -6.02 -6.12
N GLY B 333 10.13 -5.32 -7.17
CA GLY B 333 8.75 -4.87 -7.25
C GLY B 333 8.40 -3.90 -6.14
N ASN B 334 7.25 -4.12 -5.51
CA ASN B 334 6.72 -3.25 -4.48
C ASN B 334 7.17 -3.64 -3.08
N TYR B 335 8.17 -4.51 -2.96
CA TYR B 335 8.52 -5.04 -1.66
C TYR B 335 9.99 -4.88 -1.39
N THR B 336 10.33 -4.66 -0.12
CA THR B 336 11.71 -4.71 0.35
C THR B 336 11.94 -5.81 1.39
N THR B 337 10.90 -6.57 1.76
CA THR B 337 11.00 -7.54 2.84
C THR B 337 10.30 -8.83 2.46
N GLY B 338 10.62 -9.89 3.19
CA GLY B 338 9.81 -11.08 3.17
C GLY B 338 8.58 -10.91 4.04
N SER B 339 7.81 -11.99 4.13
CA SER B 339 6.54 -12.00 4.85
C SER B 339 6.68 -11.63 6.32
N ALA B 340 7.86 -11.80 6.91
CA ALA B 340 8.04 -11.50 8.33
C ALA B 340 8.58 -10.09 8.55
N GLY B 341 8.77 -9.31 7.49
CA GLY B 341 9.18 -7.92 7.65
C GLY B 341 10.66 -7.72 7.75
N TYR B 342 11.47 -8.68 7.29
CA TYR B 342 12.92 -8.55 7.34
C TYR B 342 13.48 -8.40 5.92
N THR B 343 14.66 -7.78 5.83
CA THR B 343 15.40 -7.70 4.59
C THR B 343 16.36 -8.88 4.51
N ASN B 344 17.07 -8.98 3.37
CA ASN B 344 18.06 -10.05 3.22
C ASN B 344 19.18 -9.93 4.23
N SER B 345 19.36 -8.74 4.81
CA SER B 345 20.27 -8.59 5.93
C SER B 345 19.97 -9.59 7.06
N PHE B 346 18.69 -9.92 7.27
CA PHE B 346 18.35 -10.94 8.26
C PHE B 346 18.94 -12.30 7.88
N ASN B 347 18.71 -12.74 6.63
CA ASN B 347 19.33 -13.98 6.17
C ASN B 347 20.85 -13.93 6.30
N HIS B 348 21.44 -12.75 6.14
CA HIS B 348 22.88 -12.63 6.26
C HIS B 348 23.35 -12.91 7.69
N MET B 349 22.65 -12.37 8.70
CA MET B 349 23.11 -12.60 10.06
C MET B 349 22.92 -14.05 10.51
N VAL B 350 21.86 -14.72 10.05
CA VAL B 350 21.69 -16.12 10.40
C VAL B 350 22.74 -16.98 9.72
N LEU B 351 23.10 -16.63 8.48
CA LEU B 351 24.15 -17.36 7.76
C LEU B 351 25.50 -17.16 8.42
N GLU B 352 25.81 -15.93 8.83
CA GLU B 352 27.09 -15.69 9.50
C GLU B 352 27.17 -16.43 10.83
N PHE B 353 26.07 -16.43 11.60
CA PHE B 353 26.01 -17.24 12.82
C PHE B 353 26.40 -18.68 12.54
N THR B 354 25.83 -19.25 11.48
CA THR B 354 26.10 -20.63 11.11
C THR B 354 27.53 -20.82 10.59
N ILE B 355 28.08 -19.80 9.93
CA ILE B 355 29.47 -19.89 9.47
C ILE B 355 30.42 -19.86 10.66
N GLU B 356 30.14 -19.02 11.65
CA GLU B 356 30.99 -18.97 12.84
C GLU B 356 30.96 -20.29 13.61
N VAL B 357 29.79 -20.92 13.71
CA VAL B 357 29.72 -22.21 14.39
C VAL B 357 30.58 -23.23 13.65
N GLU B 358 30.55 -23.18 12.31
CA GLU B 358 31.40 -24.10 11.55
C GLU B 358 32.87 -23.81 11.82
N LYS B 359 33.23 -22.53 11.89
CA LYS B 359 34.59 -22.16 12.26
C LYS B 359 34.98 -22.74 13.61
N GLN B 360 34.12 -22.54 14.64
CA GLN B 360 34.45 -23.00 15.99
C GLN B 360 34.65 -24.50 16.05
N ILE B 361 33.83 -25.26 15.33
CA ILE B 361 33.97 -26.71 15.37
C ILE B 361 35.26 -27.14 14.68
N ARG B 362 35.60 -26.48 13.57
CA ARG B 362 36.88 -26.77 12.93
C ARG B 362 38.05 -26.46 13.85
N ALA B 363 37.98 -25.33 14.56
CA ALA B 363 39.05 -24.95 15.47
C ALA B 363 39.27 -26.00 16.56
N VAL B 364 38.18 -26.55 17.12
CA VAL B 364 38.32 -27.52 18.19
C VAL B 364 38.83 -28.85 17.65
N LEU B 365 38.47 -29.21 16.43
CA LEU B 365 38.96 -30.43 15.80
C LEU B 365 40.35 -30.28 15.18
N ALA B 366 40.93 -29.08 15.23
CA ALA B 366 42.17 -28.83 14.49
C ALA B 366 43.34 -29.68 14.98
N PRO B 367 43.65 -29.78 16.28
CA PRO B 367 44.81 -30.60 16.70
C PRO B 367 44.63 -32.08 16.46
N TYR B 368 43.73 -32.48 15.58
CA TYR B 368 43.43 -33.89 15.39
C TYR B 368 43.10 -34.22 13.94
C1 GOL C . -23.47 -9.07 -5.46
O1 GOL C . -23.23 -8.63 -4.16
C2 GOL C . -22.13 -9.07 -6.22
O2 GOL C . -22.30 -9.03 -7.61
C3 GOL C . -21.40 -10.35 -5.77
O3 GOL C . -21.66 -11.32 -6.74
C1 GOL D . -24.10 -7.31 -13.30
O1 GOL D . -24.17 -6.11 -14.02
C2 GOL D . -24.15 -6.98 -11.81
O2 GOL D . -23.55 -5.78 -11.53
C3 GOL D . -25.66 -7.01 -11.42
O3 GOL D . -26.14 -5.69 -11.53
C1 GOL E . 6.77 13.21 -8.88
O1 GOL E . 5.77 13.86 -9.63
C2 GOL E . 6.42 13.48 -7.39
O2 GOL E . 6.97 14.68 -6.91
C3 GOL E . 4.88 13.49 -7.37
O3 GOL E . 4.48 14.79 -7.74
CHA HEM F . -1.47 21.82 -2.46
CHB HEM F . -2.21 19.84 1.89
CHC HEM F . -6.75 21.57 2.03
CHD HEM F . -5.60 24.33 -1.82
C1A HEM F . -1.30 21.03 -1.34
C2A HEM F . -0.21 20.13 -1.07
C3A HEM F . -0.41 19.59 0.14
C4A HEM F . -1.63 20.14 0.67
CMA HEM F . 0.50 18.56 0.86
CAA HEM F . 0.98 19.81 -2.00
CBA HEM F . 0.47 19.36 -3.39
CGA HEM F . -0.01 17.93 -3.37
O1A HEM F . 0.79 17.07 -2.96
O2A HEM F . -1.17 17.64 -3.78
C1B HEM F . -3.53 20.05 2.26
C2B HEM F . -4.21 19.41 3.38
C3B HEM F . -5.49 19.88 3.42
C4B HEM F . -5.62 20.85 2.35
CMB HEM F . -3.49 18.35 4.24
CAB HEM F . -6.67 19.55 4.38
CBB HEM F . -6.56 18.86 5.54
C1C HEM F . -6.85 22.44 0.97
C2C HEM F . -8.05 23.09 0.50
C3C HEM F . -7.73 23.84 -0.57
C4C HEM F . -6.31 23.70 -0.81
CMC HEM F . -9.44 22.93 1.14
CAC HEM F . -8.62 24.78 -1.44
CBC HEM F . -9.71 25.40 -0.97
C1D HEM F . -4.34 23.95 -2.29
C2D HEM F . -3.53 24.63 -3.28
C3D HEM F . -2.38 23.96 -3.46
C4D HEM F . -2.42 22.81 -2.58
CMD HEM F . -3.95 25.92 -3.99
CAD HEM F . -1.24 24.35 -4.42
CBD HEM F . -0.19 25.18 -3.65
CGD HEM F . -0.50 26.67 -3.61
O1D HEM F . -0.11 27.37 -2.63
O2D HEM F . -1.13 27.22 -4.56
NA HEM F . -2.15 21.01 -0.26
NB HEM F . -4.41 20.92 1.68
NC HEM F . -5.80 22.81 0.14
ND HEM F . -3.63 22.83 -1.90
FE HEM F . -3.93 21.88 -0.09
N TRP G . -5.35 20.24 -1.14
CA TRP G . -4.72 18.95 -0.91
C TRP G . -4.38 18.27 -2.23
O TRP G . -4.59 18.85 -3.30
CB TRP G . -5.62 18.07 -0.05
CG TRP G . -6.86 17.57 -0.75
CD1 TRP G . -7.06 16.31 -1.28
CD2 TRP G . -8.08 18.29 -0.97
NE1 TRP G . -8.32 16.22 -1.83
CE2 TRP G . -8.96 17.42 -1.65
CE3 TRP G . -8.51 19.59 -0.68
CZ2 TRP G . -10.25 17.81 -2.04
CZ3 TRP G . -9.80 19.97 -1.06
CH2 TRP G . -10.64 19.10 -1.74
OXT TRP G . -3.87 17.14 -2.28
C1 GOL H . 10.79 -7.40 14.05
O1 GOL H . 10.40 -8.14 15.19
C2 GOL H . 9.55 -7.25 13.13
O2 GOL H . 8.60 -6.35 13.63
C3 GOL H . 10.13 -6.76 11.78
O3 GOL H . 10.22 -7.89 10.99
C TRS I . -8.24 -10.95 -18.47
C1 TRS I . -8.33 -12.48 -18.50
C2 TRS I . -9.59 -10.28 -18.19
C3 TRS I . -7.71 -10.48 -19.83
N TRS I . -7.29 -10.59 -17.41
O1 TRS I . -7.21 -13.01 -17.81
O2 TRS I . -9.71 -9.93 -16.80
O3 TRS I . -7.37 -9.10 -19.76
C1 GOL J . 12.71 -31.69 30.80
O1 GOL J . 13.56 -30.77 31.39
C2 GOL J . 13.45 -32.25 29.57
O2 GOL J . 13.24 -31.47 28.42
C3 GOL J . 12.90 -33.70 29.42
O3 GOL J . 11.56 -33.59 29.07
C1 GOL K . -1.85 -9.85 -10.04
O1 GOL K . -0.74 -9.21 -9.49
C2 GOL K . -2.19 -9.15 -11.38
O2 GOL K . -1.15 -9.25 -12.30
C3 GOL K . -3.46 -9.86 -11.86
O3 GOL K . -3.61 -9.55 -13.22
C1 GOL L . -9.64 -1.20 2.59
O1 GOL L . -8.61 -1.80 1.91
C2 GOL L . -9.42 -1.57 4.08
O2 GOL L . -9.60 -2.91 4.32
C3 GOL L . -7.95 -1.14 4.36
O3 GOL L . -7.29 -2.34 4.57
CHA HEM M . 13.67 -16.18 5.49
CHB HEM M . 13.48 -14.51 0.90
CHC HEM M . 12.25 -18.92 -0.78
CHD HEM M . 13.18 -20.65 3.71
C1A HEM M . 13.62 -15.32 4.42
C2A HEM M . 13.64 -13.88 4.46
C3A HEM M . 13.60 -13.40 3.21
C4A HEM M . 13.54 -14.53 2.30
CMA HEM M . 13.59 -11.90 2.84
CAA HEM M . 13.70 -13.04 5.76
CBA HEM M . 12.50 -13.35 6.67
CGA HEM M . 11.28 -12.58 6.25
O1A HEM M . 11.39 -11.33 6.14
O2A HEM M . 10.19 -13.19 6.06
C1B HEM M . 13.08 -15.54 0.06
C2B HEM M . 12.71 -15.40 -1.35
C3B HEM M . 12.35 -16.61 -1.82
C4B HEM M . 12.50 -17.57 -0.73
CMB HEM M . 12.73 -14.03 -2.08
CAB HEM M . 11.90 -17.02 -3.26
CBB HEM M . 11.85 -16.21 -4.34
C1C HEM M . 12.36 -19.78 0.31
C2C HEM M . 11.99 -21.17 0.35
C3C HEM M . 12.24 -21.63 1.60
C4C HEM M . 12.79 -20.55 2.38
CMC HEM M . 11.37 -21.96 -0.83
CAC HEM M . 12.03 -23.04 2.21
CBC HEM M . 11.88 -24.13 1.47
C1D HEM M . 13.48 -19.62 4.58
C2D HEM M . 14.04 -19.73 5.91
C3D HEM M . 14.18 -18.49 6.41
C4D HEM M . 13.72 -17.55 5.40
CMD HEM M . 14.39 -21.04 6.62
CAD HEM M . 14.75 -18.10 7.80
CBD HEM M . 16.21 -17.66 7.66
CGD HEM M . 17.15 -18.86 7.72
O1D HEM M . 18.23 -18.85 7.08
O2D HEM M . 16.82 -19.84 8.44
NA HEM M . 13.56 -15.69 3.08
NB HEM M . 12.95 -16.87 0.37
NC HEM M . 12.84 -19.42 1.57
ND HEM M . 13.29 -18.28 4.31
FE HEM M . 13.21 -17.54 2.38
N TRP N . 10.83 -17.59 2.38
CA TRP N . 10.41 -16.20 2.24
C TRP N . 9.56 -15.75 3.44
O TRP N . 9.55 -16.45 4.47
CB TRP N . 9.61 -16.03 0.95
CG TRP N . 8.27 -16.68 1.01
CD1 TRP N . 7.05 -16.07 1.19
CD2 TRP N . 7.99 -18.08 0.86
NE1 TRP N . 6.04 -16.99 1.16
CE2 TRP N . 6.58 -18.24 0.97
CE3 TRP N . 8.78 -19.22 0.66
CZ2 TRP N . 5.96 -19.49 0.88
CZ3 TRP N . 8.16 -20.47 0.58
CH2 TRP N . 6.77 -20.59 0.68
OXT TRP N . 8.92 -14.71 3.38
#